data_2YXG
#
_entry.id   2YXG
#
_cell.length_a   80.469
_cell.length_b   76.532
_cell.length_c   101.863
_cell.angle_alpha   90.00
_cell.angle_beta   106.87
_cell.angle_gamma   90.00
#
_symmetry.space_group_name_H-M   'P 1 21 1'
#
loop_
_entity.id
_entity.type
_entity.pdbx_description
1 polymer 'Dihydrodipicolinate synthase'
2 water water
#
_entity_poly.entity_id   1
_entity_poly.type   'polypeptide(L)'
_entity_poly.pdbx_seq_one_letter_code
;MFKGVYPAIITPFKNKEVDFDGLEENINFLIENGVSGIVAVGTTGESPTLSHEEHKKVIEKVVDVVNGRVQVIAGAGSNC
TEEAIELSVFAEDVGADAVLSITPYYNKPTQEGLRKHFGKVAESINLPIVLYNVPSRTAVNLEPKTVKLLAEEYSNISAV
KEANPNLSQVSELIHDAKITVLSGNDELTLPIIALGGKGVISVVANIVPKEFVEMVNYALEGDFEKAREIHYKLFPLMKA
MFIETNPIPVKTALNMMGRPAGELRLPLCEMSEEHKKILENVLKDLGLI
;
_entity_poly.pdbx_strand_id   A,B,C,D
#
# COMPACT_ATOMS: atom_id res chain seq x y z
N MET A 1 1.10 13.97 -33.52
CA MET A 1 0.86 13.24 -32.25
C MET A 1 -0.18 13.90 -31.30
N PHE A 2 -0.08 13.55 -30.03
CA PHE A 2 -0.90 14.21 -29.05
C PHE A 2 -0.05 15.21 -28.39
N LYS A 3 -0.56 16.44 -28.29
CA LYS A 3 0.21 17.52 -27.61
C LYS A 3 -0.65 18.57 -26.91
N GLY A 4 -0.28 18.96 -25.69
CA GLY A 4 -1.02 20.05 -25.05
C GLY A 4 -2.15 19.55 -24.20
N VAL A 5 -3.17 20.38 -24.01
CA VAL A 5 -4.20 20.13 -22.99
C VAL A 5 -5.48 19.59 -23.58
N TYR A 6 -5.95 18.45 -23.05
CA TYR A 6 -7.23 17.79 -23.48
C TYR A 6 -8.16 17.59 -22.30
N PRO A 7 -9.15 18.46 -22.13
CA PRO A 7 -9.95 18.24 -20.95
C PRO A 7 -10.82 17.02 -21.08
N ALA A 8 -10.99 16.32 -19.95
CA ALA A 8 -11.89 15.18 -19.89
C ALA A 8 -13.22 15.79 -19.49
N ILE A 9 -14.09 15.94 -20.48
CA ILE A 9 -15.29 16.72 -20.26
C ILE A 9 -16.31 15.97 -19.44
N ILE A 10 -17.02 16.73 -18.60
CA ILE A 10 -18.13 16.15 -17.93
C ILE A 10 -19.27 15.93 -18.91
N THR A 11 -20.17 15.03 -18.52
CA THR A 11 -21.46 14.90 -19.19
C THR A 11 -22.51 15.65 -18.30
N PRO A 12 -22.98 16.81 -18.75
CA PRO A 12 -23.99 17.53 -17.94
C PRO A 12 -25.37 16.91 -18.14
N PHE A 13 -26.16 16.86 -17.06
CA PHE A 13 -27.50 16.33 -17.05
C PHE A 13 -28.53 17.45 -16.72
N LYS A 14 -29.70 17.40 -17.38
CA LYS A 14 -30.85 18.25 -17.05
C LYS A 14 -32.06 17.35 -17.07
N ASN A 15 -32.79 17.35 -15.96
CA ASN A 15 -33.97 16.52 -15.81
C ASN A 15 -33.77 15.03 -16.11
N LYS A 16 -32.71 14.47 -15.52
CA LYS A 16 -32.42 13.05 -15.59
C LYS A 16 -31.94 12.66 -17.01
N GLU A 17 -31.70 13.66 -17.86
CA GLU A 17 -31.25 13.42 -19.22
C GLU A 17 -29.96 14.18 -19.57
N VAL A 18 -29.16 13.61 -20.46
CA VAL A 18 -27.98 14.28 -20.97
C VAL A 18 -28.42 15.64 -21.45
N ASP A 19 -27.67 16.68 -21.06
CA ASP A 19 -27.99 18.05 -21.44
C ASP A 19 -27.14 18.47 -22.66
N PHE A 20 -27.73 18.30 -23.85
CA PHE A 20 -26.96 18.44 -25.11
C PHE A 20 -26.58 19.89 -25.41
N ASP A 21 -27.48 20.80 -25.09
CA ASP A 21 -27.21 22.21 -25.24
C ASP A 21 -26.09 22.63 -24.27
N GLY A 22 -26.13 22.10 -23.05
CA GLY A 22 -25.12 22.45 -22.07
C GLY A 22 -23.78 21.93 -22.50
N LEU A 23 -23.81 20.70 -23.02
CA LEU A 23 -22.66 20.03 -23.60
C LEU A 23 -22.01 20.86 -24.72
N GLU A 24 -22.82 21.32 -25.66
CA GLU A 24 -22.33 22.19 -26.74
C GLU A 24 -21.62 23.45 -26.25
N GLU A 25 -22.31 24.13 -25.33
CA GLU A 25 -21.83 25.32 -24.70
C GLU A 25 -20.52 25.06 -23.95
N ASN A 26 -20.42 23.90 -23.27
CA ASN A 26 -19.11 23.56 -22.61
C ASN A 26 -18.01 23.36 -23.65
N ILE A 27 -18.34 22.63 -24.70
CA ILE A 27 -17.38 22.41 -25.78
C ILE A 27 -16.82 23.68 -26.37
N ASN A 28 -17.70 24.58 -26.77
CA ASN A 28 -17.24 25.87 -27.34
C ASN A 28 -16.47 26.72 -26.34
N PHE A 29 -16.89 26.71 -25.08
CA PHE A 29 -16.10 27.36 -24.03
C PHE A 29 -14.63 26.87 -24.00
N LEU A 30 -14.42 25.57 -24.07
CA LEU A 30 -13.07 25.02 -23.98
C LEU A 30 -12.27 25.31 -25.26
N ILE A 31 -12.95 25.15 -26.39
CA ILE A 31 -12.31 25.47 -27.69
C ILE A 31 -11.90 26.95 -27.74
N GLU A 32 -12.78 27.86 -27.32
CA GLU A 32 -12.52 29.32 -27.28
C GLU A 32 -11.21 29.53 -26.52
N ASN A 33 -11.02 28.72 -25.48
CA ASN A 33 -9.92 28.95 -24.58
C ASN A 33 -8.64 28.22 -24.92
N GLY A 34 -8.59 27.64 -26.13
CA GLY A 34 -7.32 27.18 -26.66
C GLY A 34 -6.92 25.75 -26.37
N VAL A 35 -7.83 24.93 -25.87
CA VAL A 35 -7.56 23.50 -25.69
C VAL A 35 -7.14 22.79 -27.01
N SER A 36 -6.32 21.73 -26.94
CA SER A 36 -5.94 20.96 -28.16
C SER A 36 -6.99 19.97 -28.65
N GLY A 37 -7.84 19.52 -27.74
CA GLY A 37 -8.79 18.49 -28.03
C GLY A 37 -9.67 18.22 -26.82
N ILE A 38 -10.63 17.32 -27.03
CA ILE A 38 -11.63 17.00 -26.06
C ILE A 38 -11.71 15.47 -25.89
N VAL A 39 -11.73 15.04 -24.63
CA VAL A 39 -11.94 13.68 -24.28
C VAL A 39 -13.41 13.46 -23.85
N ALA A 40 -14.19 12.74 -24.67
CA ALA A 40 -15.61 12.51 -24.36
C ALA A 40 -15.86 11.18 -23.70
N VAL A 41 -16.80 11.20 -22.76
CA VAL A 41 -17.32 10.02 -22.09
C VAL A 41 -16.21 9.09 -21.53
N GLY A 42 -15.22 9.68 -20.83
CA GLY A 42 -14.30 8.93 -19.96
C GLY A 42 -14.86 9.01 -18.55
N THR A 43 -14.04 8.71 -17.56
CA THR A 43 -14.45 8.71 -16.15
C THR A 43 -15.07 10.04 -15.73
N THR A 44 -14.43 11.14 -16.06
CA THR A 44 -14.95 12.46 -15.70
C THR A 44 -16.37 12.68 -16.32
N GLY A 45 -16.60 12.10 -17.52
CA GLY A 45 -17.91 12.12 -18.20
C GLY A 45 -18.93 11.11 -17.69
N GLU A 46 -18.62 10.43 -16.59
CA GLU A 46 -19.50 9.47 -15.94
C GLU A 46 -19.86 8.32 -16.86
N SER A 47 -18.85 7.88 -17.63
CA SER A 47 -19.05 6.70 -18.50
C SER A 47 -19.72 5.50 -17.76
N PRO A 48 -19.36 5.23 -16.48
CA PRO A 48 -20.05 4.07 -15.82
C PRO A 48 -21.58 4.13 -15.75
N THR A 49 -22.11 5.35 -15.68
CA THR A 49 -23.52 5.54 -15.45
C THR A 49 -24.27 6.00 -16.67
N LEU A 50 -23.61 6.04 -17.82
CA LEU A 50 -24.35 6.30 -19.05
C LEU A 50 -24.81 4.97 -19.69
N SER A 51 -26.00 5.00 -20.29
CA SER A 51 -26.41 3.90 -21.14
C SER A 51 -25.53 3.86 -22.39
N HIS A 52 -25.40 2.65 -22.97
CA HIS A 52 -24.92 2.43 -24.35
C HIS A 52 -25.38 3.57 -25.29
N GLU A 53 -26.69 3.79 -25.33
CA GLU A 53 -27.24 4.77 -26.24
C GLU A 53 -26.81 6.21 -25.90
N GLU A 54 -26.79 6.55 -24.60
CA GLU A 54 -26.27 7.86 -24.17
C GLU A 54 -24.78 8.05 -24.55
N HIS A 55 -23.96 7.04 -24.27
CA HIS A 55 -22.58 7.00 -24.64
C HIS A 55 -22.45 7.34 -26.15
N LYS A 56 -23.24 6.65 -26.98
CA LYS A 56 -23.08 6.84 -28.41
C LYS A 56 -23.48 8.24 -28.76
N LYS A 57 -24.61 8.71 -28.24
CA LYS A 57 -25.14 9.99 -28.61
C LYS A 57 -24.23 11.06 -28.07
N VAL A 58 -23.65 10.86 -26.88
CA VAL A 58 -22.71 11.89 -26.38
C VAL A 58 -21.50 12.04 -27.29
N ILE A 59 -20.84 10.95 -27.68
CA ILE A 59 -19.70 11.03 -28.62
C ILE A 59 -20.10 11.74 -29.93
N GLU A 60 -21.24 11.33 -30.48
CA GLU A 60 -21.85 11.90 -31.68
C GLU A 60 -22.00 13.41 -31.52
N LYS A 61 -22.57 13.84 -30.38
CA LYS A 61 -22.77 15.28 -30.19
C LYS A 61 -21.40 16.00 -30.17
N VAL A 62 -20.42 15.38 -29.52
CA VAL A 62 -19.09 16.00 -29.42
C VAL A 62 -18.39 16.16 -30.80
N VAL A 63 -18.37 15.07 -31.56
CA VAL A 63 -17.82 15.09 -32.95
C VAL A 63 -18.46 16.23 -33.76
N ASP A 64 -19.80 16.30 -33.74
CA ASP A 64 -20.60 17.23 -34.55
C ASP A 64 -20.32 18.70 -34.14
N VAL A 65 -20.35 18.97 -32.82
CA VAL A 65 -20.15 20.30 -32.34
C VAL A 65 -18.73 20.71 -32.60
N VAL A 66 -17.79 19.84 -32.26
CA VAL A 66 -16.40 20.17 -32.49
C VAL A 66 -16.14 20.43 -33.96
N ASN A 67 -16.67 19.56 -34.81
CA ASN A 67 -16.60 19.82 -36.26
C ASN A 67 -15.16 20.07 -36.72
N GLY A 68 -14.24 19.20 -36.32
CA GLY A 68 -12.87 19.24 -36.76
C GLY A 68 -12.01 20.41 -36.25
N ARG A 69 -12.54 21.28 -35.39
CA ARG A 69 -11.73 22.40 -34.90
C ARG A 69 -10.60 21.92 -33.98
N VAL A 70 -10.90 20.93 -33.13
CA VAL A 70 -9.89 20.30 -32.28
C VAL A 70 -10.03 18.78 -32.33
N GLN A 71 -9.06 18.05 -31.78
CA GLN A 71 -9.14 16.58 -31.80
C GLN A 71 -10.23 16.11 -30.88
N VAL A 72 -10.90 15.05 -31.29
CA VAL A 72 -11.92 14.41 -30.48
C VAL A 72 -11.46 13.02 -30.12
N ILE A 73 -11.29 12.78 -28.84
CA ILE A 73 -10.85 11.50 -28.36
C ILE A 73 -12.06 10.91 -27.65
N ALA A 74 -12.47 9.73 -28.11
CA ALA A 74 -13.68 9.11 -27.58
C ALA A 74 -13.31 8.03 -26.56
N GLY A 75 -13.88 8.12 -25.37
CA GLY A 75 -13.65 7.07 -24.38
C GLY A 75 -14.38 5.84 -24.95
N ALA A 76 -13.71 4.70 -24.95
CA ALA A 76 -14.24 3.44 -25.54
C ALA A 76 -13.65 2.22 -24.83
N GLY A 77 -13.22 2.40 -23.59
CA GLY A 77 -12.68 1.32 -22.83
C GLY A 77 -13.78 0.55 -22.10
N SER A 78 -13.44 -0.67 -21.74
CA SER A 78 -14.33 -1.56 -21.01
C SER A 78 -13.46 -2.63 -20.39
N ASN A 79 -13.95 -3.25 -19.33
CA ASN A 79 -13.26 -4.43 -18.78
C ASN A 79 -13.74 -5.73 -19.50
N CYS A 80 -14.52 -5.56 -20.57
CA CYS A 80 -14.89 -6.68 -21.41
C CYS A 80 -14.30 -6.40 -22.79
N THR A 81 -13.44 -7.29 -23.28
CA THR A 81 -12.76 -7.02 -24.57
C THR A 81 -13.73 -6.83 -25.76
N GLU A 82 -14.78 -7.65 -25.80
CA GLU A 82 -15.78 -7.57 -26.88
C GLU A 82 -16.45 -6.21 -26.89
N GLU A 83 -16.76 -5.68 -25.71
CA GLU A 83 -17.37 -4.38 -25.62
C GLU A 83 -16.38 -3.27 -25.95
N ALA A 84 -15.09 -3.47 -25.61
CA ALA A 84 -14.07 -2.41 -25.93
C ALA A 84 -13.94 -2.25 -27.48
N ILE A 85 -13.95 -3.39 -28.19
CA ILE A 85 -13.97 -3.43 -29.66
C ILE A 85 -15.17 -2.69 -30.26
N GLU A 86 -16.35 -3.08 -29.81
CA GLU A 86 -17.57 -2.45 -30.19
C GLU A 86 -17.53 -0.93 -30.00
N LEU A 87 -17.13 -0.45 -28.81
CA LEU A 87 -17.07 1.00 -28.56
C LEU A 87 -16.07 1.71 -29.47
N SER A 88 -14.97 1.02 -29.74
CA SER A 88 -13.88 1.57 -30.56
C SER A 88 -14.31 1.71 -32.02
N VAL A 89 -14.92 0.64 -32.53
CA VAL A 89 -15.45 0.62 -33.90
C VAL A 89 -16.49 1.74 -34.04
N PHE A 90 -17.34 1.89 -33.05
CA PHE A 90 -18.26 2.98 -33.05
C PHE A 90 -17.60 4.38 -33.06
N ALA A 91 -16.57 4.58 -32.25
CA ALA A 91 -15.89 5.86 -32.22
C ALA A 91 -15.32 6.15 -33.63
N GLU A 92 -14.83 5.13 -34.33
CA GLU A 92 -14.22 5.39 -35.64
C GLU A 92 -15.31 5.75 -36.67
N ASP A 93 -16.35 4.94 -36.70
CA ASP A 93 -17.48 5.08 -37.57
C ASP A 93 -18.14 6.42 -37.37
N VAL A 94 -18.24 6.90 -36.14
CA VAL A 94 -18.94 8.15 -35.90
C VAL A 94 -18.08 9.40 -36.21
N GLY A 95 -16.78 9.27 -36.40
CA GLY A 95 -15.98 10.48 -36.75
C GLY A 95 -15.01 11.04 -35.72
N ALA A 96 -14.78 10.30 -34.62
CA ALA A 96 -13.74 10.71 -33.64
C ALA A 96 -12.38 10.61 -34.27
N ASP A 97 -11.43 11.34 -33.70
CA ASP A 97 -10.07 11.34 -34.17
C ASP A 97 -9.20 10.27 -33.52
N ALA A 98 -9.60 9.78 -32.36
CA ALA A 98 -8.76 8.92 -31.53
C ALA A 98 -9.62 8.24 -30.48
N VAL A 99 -9.10 7.18 -29.89
CA VAL A 99 -9.84 6.49 -28.87
C VAL A 99 -9.01 6.53 -27.59
N LEU A 100 -9.68 6.83 -26.46
CA LEU A 100 -9.08 6.56 -25.16
C LEU A 100 -9.61 5.22 -24.64
N SER A 101 -8.68 4.37 -24.21
CA SER A 101 -9.02 3.01 -23.86
C SER A 101 -8.37 2.60 -22.47
N ILE A 102 -9.16 2.52 -21.43
CA ILE A 102 -8.67 2.25 -20.07
C ILE A 102 -8.32 0.77 -19.91
N THR A 103 -7.28 0.48 -19.11
CA THR A 103 -7.04 -0.88 -18.74
C THR A 103 -8.35 -1.37 -18.05
N PRO A 104 -8.83 -2.58 -18.41
CA PRO A 104 -9.95 -3.23 -17.68
C PRO A 104 -9.78 -3.13 -16.18
N TYR A 105 -10.87 -2.79 -15.50
CA TYR A 105 -10.85 -2.51 -14.06
C TYR A 105 -11.57 -3.70 -13.44
N TYR A 106 -11.38 -3.88 -12.13
CA TYR A 106 -12.07 -4.87 -11.35
C TYR A 106 -11.71 -6.34 -11.65
N ASN A 107 -11.75 -6.77 -12.91
CA ASN A 107 -11.42 -8.15 -13.21
C ASN A 107 -9.95 -8.55 -13.20
N LYS A 108 -9.07 -7.54 -13.05
CA LYS A 108 -7.62 -7.68 -12.85
C LYS A 108 -6.93 -8.67 -13.77
N PRO A 109 -6.98 -8.39 -15.08
CA PRO A 109 -6.23 -9.25 -16.00
C PRO A 109 -4.74 -9.11 -15.75
N THR A 110 -4.00 -10.13 -16.15
CA THR A 110 -2.53 -10.16 -16.13
C THR A 110 -1.98 -9.25 -17.24
N GLN A 111 -0.69 -8.96 -17.20
CA GLN A 111 -0.04 -8.19 -18.31
C GLN A 111 -0.35 -8.72 -19.71
N GLU A 112 -0.34 -10.04 -19.87
CA GLU A 112 -0.56 -10.69 -21.16
C GLU A 112 -2.03 -10.53 -21.54
N GLY A 113 -2.90 -10.62 -20.53
CA GLY A 113 -4.34 -10.35 -20.72
C GLY A 113 -4.58 -8.93 -21.19
N LEU A 114 -3.89 -7.99 -20.56
CA LEU A 114 -3.88 -6.59 -21.05
C LEU A 114 -3.38 -6.45 -22.47
N ARG A 115 -2.24 -7.08 -22.80
CA ARG A 115 -1.70 -6.98 -24.17
C ARG A 115 -2.74 -7.48 -25.17
N LYS A 116 -3.33 -8.62 -24.89
CA LYS A 116 -4.27 -9.26 -25.81
C LYS A 116 -5.51 -8.40 -25.93
N HIS A 117 -6.06 -7.98 -24.79
CA HIS A 117 -7.13 -6.96 -24.76
C HIS A 117 -6.83 -5.75 -25.65
N PHE A 118 -5.71 -5.07 -25.43
CA PHE A 118 -5.45 -3.83 -26.26
C PHE A 118 -5.10 -4.19 -27.71
N GLY A 119 -4.54 -5.39 -27.91
CA GLY A 119 -4.28 -5.94 -29.25
C GLY A 119 -5.56 -6.04 -30.05
N LYS A 120 -6.62 -6.58 -29.45
CA LYS A 120 -7.93 -6.69 -30.14
C LYS A 120 -8.51 -5.31 -30.45
N VAL A 121 -8.36 -4.36 -29.52
CA VAL A 121 -8.81 -2.99 -29.78
C VAL A 121 -8.03 -2.40 -30.98
N ALA A 122 -6.70 -2.51 -30.94
CA ALA A 122 -5.84 -1.95 -31.96
C ALA A 122 -6.14 -2.56 -33.35
N GLU A 123 -6.39 -3.86 -33.41
CA GLU A 123 -6.78 -4.55 -34.65
C GLU A 123 -8.15 -4.14 -35.19
N SER A 124 -9.01 -3.63 -34.32
CA SER A 124 -10.39 -3.34 -34.68
C SER A 124 -10.57 -2.01 -35.46
N ILE A 125 -9.60 -1.12 -35.37
CA ILE A 125 -9.78 0.23 -35.89
C ILE A 125 -8.47 0.72 -36.44
N ASN A 126 -8.54 1.82 -37.21
CA ASN A 126 -7.34 2.49 -37.65
C ASN A 126 -7.00 3.80 -36.91
N LEU A 127 -7.91 4.31 -36.09
CA LEU A 127 -7.64 5.46 -35.21
C LEU A 127 -6.42 5.30 -34.29
N PRO A 128 -5.74 6.42 -33.99
CA PRO A 128 -4.74 6.36 -32.91
C PRO A 128 -5.43 6.00 -31.60
N ILE A 129 -4.70 5.30 -30.75
CA ILE A 129 -5.25 4.85 -29.45
C ILE A 129 -4.43 5.41 -28.31
N VAL A 130 -5.11 6.06 -27.36
CA VAL A 130 -4.51 6.44 -26.09
C VAL A 130 -4.84 5.39 -25.00
N LEU A 131 -3.82 4.73 -24.53
CA LEU A 131 -3.95 3.79 -23.42
C LEU A 131 -4.12 4.57 -22.11
N TYR A 132 -5.07 4.22 -21.27
CA TYR A 132 -5.23 4.95 -19.99
C TYR A 132 -4.95 3.99 -18.82
N ASN A 133 -3.92 4.32 -18.05
CA ASN A 133 -3.53 3.53 -16.90
C ASN A 133 -3.82 4.34 -15.62
N VAL A 134 -4.59 3.76 -14.70
CA VAL A 134 -4.89 4.47 -13.42
C VAL A 134 -5.09 3.44 -12.35
N PRO A 135 -4.01 2.84 -11.89
CA PRO A 135 -4.11 1.72 -10.96
C PRO A 135 -4.95 2.00 -9.69
N SER A 136 -5.04 3.26 -9.24
CA SER A 136 -5.76 3.53 -8.01
C SER A 136 -7.27 3.26 -8.21
N ARG A 137 -7.74 3.29 -9.45
CA ARG A 137 -9.13 2.91 -9.73
C ARG A 137 -9.31 1.49 -10.25
N THR A 138 -8.30 0.97 -10.96
CA THR A 138 -8.56 -0.26 -11.74
C THR A 138 -8.09 -1.52 -11.01
N ALA A 139 -7.18 -1.35 -10.04
CA ALA A 139 -6.53 -2.47 -9.34
C ALA A 139 -5.41 -3.14 -10.21
N VAL A 140 -5.13 -2.56 -11.39
CA VAL A 140 -4.09 -3.09 -12.23
C VAL A 140 -3.13 -1.98 -12.71
N ASN A 141 -1.87 -2.32 -12.90
CA ASN A 141 -0.91 -1.40 -13.44
C ASN A 141 -0.42 -1.92 -14.78
N LEU A 142 -0.62 -1.17 -15.85
CA LEU A 142 -0.07 -1.52 -17.15
C LEU A 142 1.43 -1.18 -17.16
N GLU A 143 2.26 -2.19 -17.28
CA GLU A 143 3.70 -2.04 -17.15
C GLU A 143 4.29 -1.50 -18.42
N PRO A 144 5.37 -0.69 -18.30
CA PRO A 144 6.05 -0.17 -19.50
C PRO A 144 6.51 -1.31 -20.46
N LYS A 145 6.85 -2.49 -19.95
CA LYS A 145 7.24 -3.58 -20.86
C LYS A 145 6.08 -3.99 -21.76
N THR A 146 4.88 -3.97 -21.20
CA THR A 146 3.67 -4.32 -21.88
C THR A 146 3.30 -3.25 -22.88
N VAL A 147 3.35 -1.98 -22.49
CA VAL A 147 3.20 -0.89 -23.46
C VAL A 147 4.17 -0.98 -24.66
N LYS A 148 5.44 -1.33 -24.40
CA LYS A 148 6.47 -1.41 -25.44
C LYS A 148 6.15 -2.50 -26.48
N LEU A 149 5.73 -3.70 -26.03
CA LEU A 149 5.21 -4.77 -26.95
C LEU A 149 4.05 -4.30 -27.78
N LEU A 150 3.06 -3.69 -27.13
CA LEU A 150 1.92 -3.07 -27.88
C LEU A 150 2.32 -2.14 -29.02
N ALA A 151 3.17 -1.17 -28.68
CA ALA A 151 3.60 -0.17 -29.63
C ALA A 151 4.47 -0.81 -30.71
N GLU A 152 5.34 -1.75 -30.33
CA GLU A 152 6.13 -2.50 -31.33
C GLU A 152 5.26 -3.24 -32.32
N GLU A 153 4.10 -3.76 -31.89
CA GLU A 153 3.23 -4.46 -32.82
C GLU A 153 2.22 -3.62 -33.59
N TYR A 154 1.70 -2.60 -32.93
CA TYR A 154 0.60 -1.85 -33.48
C TYR A 154 0.98 -0.40 -33.66
N SER A 155 1.05 0.03 -34.93
CA SER A 155 1.38 1.42 -35.21
C SER A 155 0.33 2.41 -34.67
N ASN A 156 -0.90 1.96 -34.43
CA ASN A 156 -1.91 2.92 -33.93
C ASN A 156 -1.95 3.05 -32.40
N ILE A 157 -1.08 2.33 -31.70
CA ILE A 157 -0.89 2.53 -30.27
C ILE A 157 0.03 3.74 -30.08
N SER A 158 -0.60 4.85 -29.74
CA SER A 158 0.03 6.13 -29.96
C SER A 158 0.46 6.85 -28.68
N ALA A 159 -0.38 6.81 -27.64
CA ALA A 159 -0.06 7.48 -26.40
C ALA A 159 -0.47 6.66 -25.19
N VAL A 160 0.09 7.03 -24.04
CA VAL A 160 -0.47 6.67 -22.73
C VAL A 160 -0.87 7.93 -21.87
N LYS A 161 -2.11 7.95 -21.40
CA LYS A 161 -2.52 8.81 -20.27
C LYS A 161 -2.08 8.10 -19.00
N GLU A 162 -0.98 8.62 -18.40
CA GLU A 162 -0.37 7.96 -17.23
C GLU A 162 -0.85 8.55 -15.93
N ALA A 163 -1.76 7.86 -15.23
CA ALA A 163 -2.20 8.35 -13.88
C ALA A 163 -1.54 7.69 -12.67
N ASN A 164 -0.61 6.76 -12.90
CA ASN A 164 0.23 6.15 -11.87
C ASN A 164 1.14 7.27 -11.43
N PRO A 165 1.10 7.61 -10.10
CA PRO A 165 1.86 8.74 -9.52
C PRO A 165 3.34 8.40 -9.27
N ASN A 166 3.75 7.15 -9.51
CA ASN A 166 5.16 6.81 -9.49
C ASN A 166 5.81 7.21 -10.81
N LEU A 167 6.51 8.36 -10.79
CA LEU A 167 6.97 8.99 -12.01
C LEU A 167 8.16 8.33 -12.61
N SER A 168 8.74 7.37 -11.94
CA SER A 168 9.73 6.61 -12.71
C SER A 168 9.09 5.65 -13.67
N GLN A 169 7.80 5.32 -13.46
CA GLN A 169 7.09 4.66 -14.55
C GLN A 169 7.03 5.56 -15.79
N VAL A 170 6.87 6.87 -15.58
CA VAL A 170 6.90 7.82 -16.67
C VAL A 170 8.30 7.86 -17.32
N SER A 171 9.40 7.77 -16.55
CA SER A 171 10.63 7.82 -17.29
C SER A 171 10.98 6.53 -17.96
N GLU A 172 10.47 5.41 -17.45
CA GLU A 172 10.59 4.12 -18.14
C GLU A 172 9.87 4.14 -19.47
N LEU A 173 8.67 4.73 -19.51
CA LEU A 173 7.96 4.93 -20.77
C LEU A 173 8.71 5.86 -21.73
N ILE A 174 9.25 6.96 -21.22
CA ILE A 174 9.88 7.90 -22.11
C ILE A 174 11.12 7.22 -22.67
N HIS A 175 11.86 6.54 -21.78
CA HIS A 175 13.10 5.89 -22.11
C HIS A 175 12.92 4.75 -23.12
N ASP A 176 11.91 3.87 -22.91
CA ASP A 176 11.75 2.54 -23.62
C ASP A 176 10.65 2.43 -24.68
N ALA A 177 9.48 2.94 -24.33
CA ALA A 177 8.20 2.94 -25.09
C ALA A 177 8.15 3.33 -26.58
N LYS A 178 8.70 4.50 -26.90
CA LYS A 178 8.29 5.23 -28.09
C LYS A 178 6.76 5.16 -28.12
N ILE A 179 6.16 5.79 -27.11
CA ILE A 179 4.81 6.29 -27.21
C ILE A 179 4.92 7.68 -26.61
N THR A 180 3.98 8.55 -26.96
CA THR A 180 3.78 9.81 -26.27
C THR A 180 3.21 9.58 -24.87
N VAL A 181 3.84 10.22 -23.88
CA VAL A 181 3.23 10.22 -22.55
C VAL A 181 2.36 11.45 -22.33
N LEU A 182 1.08 11.25 -21.98
CA LEU A 182 0.21 12.33 -21.46
C LEU A 182 0.00 12.17 -19.94
N SER A 183 0.02 13.29 -19.24
CA SER A 183 -0.30 13.24 -17.82
C SER A 183 -1.73 12.89 -17.56
N GLY A 184 -1.91 11.94 -16.65
CA GLY A 184 -3.24 11.59 -16.18
C GLY A 184 -3.59 12.24 -14.87
N ASN A 185 -2.71 13.11 -14.37
CA ASN A 185 -2.89 13.82 -13.08
C ASN A 185 -2.59 15.28 -13.25
N ASP A 186 -3.62 16.10 -13.09
CA ASP A 186 -3.44 17.55 -13.25
C ASP A 186 -2.22 18.07 -12.49
N GLU A 187 -2.06 17.67 -11.25
CA GLU A 187 -1.01 18.20 -10.36
C GLU A 187 0.38 17.62 -10.66
N LEU A 188 0.44 16.60 -11.53
CA LEU A 188 1.74 16.05 -11.88
C LEU A 188 2.10 16.44 -13.30
N THR A 189 1.24 17.25 -13.91
CA THR A 189 1.43 17.63 -15.29
C THR A 189 2.78 18.31 -15.55
N LEU A 190 3.08 19.35 -14.75
CA LEU A 190 4.37 20.02 -14.85
C LEU A 190 5.61 19.07 -14.69
N PRO A 191 5.69 18.27 -13.60
CA PRO A 191 6.83 17.34 -13.58
C PRO A 191 6.82 16.25 -14.70
N ILE A 192 5.65 15.75 -15.08
CA ILE A 192 5.59 14.84 -16.25
C ILE A 192 6.13 15.45 -17.60
N ILE A 193 5.83 16.70 -17.89
CA ILE A 193 6.38 17.40 -19.08
C ILE A 193 7.89 17.62 -19.02
N ALA A 194 8.37 17.96 -17.81
CA ALA A 194 9.81 18.05 -17.55
C ALA A 194 10.51 16.74 -17.89
N LEU A 195 9.83 15.63 -17.61
CA LEU A 195 10.39 14.33 -17.87
C LEU A 195 10.31 13.99 -19.35
N GLY A 196 9.58 14.81 -20.11
CA GLY A 196 9.37 14.66 -21.57
C GLY A 196 7.95 14.30 -22.02
N GLY A 197 6.97 14.36 -21.11
CA GLY A 197 5.59 14.16 -21.55
C GLY A 197 5.16 15.33 -22.44
N LYS A 198 4.09 15.15 -23.20
CA LYS A 198 3.68 16.12 -24.18
C LYS A 198 2.37 16.80 -23.95
N GLY A 199 1.71 16.53 -22.82
CA GLY A 199 0.48 17.26 -22.48
C GLY A 199 -0.26 16.53 -21.36
N VAL A 200 -1.59 16.73 -21.30
CA VAL A 200 -2.37 16.20 -20.21
C VAL A 200 -3.79 15.99 -20.68
N ILE A 201 -4.42 14.98 -20.08
CA ILE A 201 -5.85 14.82 -20.15
C ILE A 201 -6.32 15.21 -18.75
N SER A 202 -7.12 16.26 -18.70
CA SER A 202 -7.27 17.04 -17.48
C SER A 202 -8.73 17.17 -17.00
N VAL A 203 -8.90 17.11 -15.68
CA VAL A 203 -10.13 17.45 -15.03
C VAL A 203 -10.24 18.99 -14.86
N VAL A 204 -9.21 19.60 -14.26
CA VAL A 204 -9.24 20.99 -13.95
C VAL A 204 -9.31 21.89 -15.19
N ALA A 205 -8.85 21.42 -16.36
CA ALA A 205 -9.01 22.26 -17.58
C ALA A 205 -10.48 22.50 -17.92
N ASN A 206 -11.41 21.76 -17.32
CA ASN A 206 -12.86 22.14 -17.43
C ASN A 206 -13.28 23.49 -16.80
N ILE A 207 -12.49 23.93 -15.81
CA ILE A 207 -12.78 25.05 -14.92
C ILE A 207 -11.92 26.25 -15.37
N VAL A 208 -10.63 25.99 -15.58
CA VAL A 208 -9.68 27.03 -15.95
C VAL A 208 -8.92 26.65 -17.21
N PRO A 209 -9.66 26.46 -18.34
CA PRO A 209 -8.98 26.02 -19.61
C PRO A 209 -7.86 26.96 -20.06
N LYS A 210 -8.05 28.27 -19.96
CA LYS A 210 -7.06 29.18 -20.52
C LYS A 210 -5.74 29.15 -19.74
N GLU A 211 -5.87 29.07 -18.42
CA GLU A 211 -4.73 29.02 -17.53
C GLU A 211 -3.94 27.72 -17.68
N PHE A 212 -4.64 26.59 -17.69
CA PHE A 212 -3.99 25.32 -17.91
C PHE A 212 -3.27 25.21 -19.26
N VAL A 213 -3.92 25.58 -20.35
CA VAL A 213 -3.27 25.64 -21.67
C VAL A 213 -1.99 26.47 -21.62
N GLU A 214 -2.06 27.60 -20.96
CA GLU A 214 -0.87 28.41 -20.99
C GLU A 214 0.23 27.83 -20.07
N MET A 215 -0.15 27.19 -18.95
CA MET A 215 0.87 26.58 -18.08
C MET A 215 1.58 25.46 -18.86
N VAL A 216 0.78 24.65 -19.55
CA VAL A 216 1.28 23.56 -20.37
C VAL A 216 2.18 24.02 -21.52
N ASN A 217 1.76 25.04 -22.27
CA ASN A 217 2.62 25.63 -23.31
C ASN A 217 3.93 26.15 -22.74
N TYR A 218 3.91 26.76 -21.55
CA TYR A 218 5.21 27.16 -20.93
C TYR A 218 6.10 25.95 -20.62
N ALA A 219 5.50 24.92 -20.00
CA ALA A 219 6.24 23.72 -19.68
C ALA A 219 6.73 23.03 -20.96
N LEU A 220 5.88 23.00 -21.99
CA LEU A 220 6.26 22.49 -23.31
C LEU A 220 7.42 23.26 -23.94
N GLU A 221 7.42 24.59 -23.85
CA GLU A 221 8.53 25.36 -24.43
C GLU A 221 9.77 25.35 -23.53
N GLY A 222 9.63 24.92 -22.29
CA GLY A 222 10.78 24.70 -21.41
C GLY A 222 10.96 25.88 -20.49
N ASP A 223 9.90 26.67 -20.34
CA ASP A 223 9.93 27.82 -19.43
C ASP A 223 9.25 27.45 -18.09
N PHE A 224 9.99 26.75 -17.26
CA PHE A 224 9.42 26.20 -16.03
C PHE A 224 9.19 27.21 -14.92
N GLU A 225 9.99 28.28 -14.94
CA GLU A 225 9.71 29.44 -14.09
C GLU A 225 8.26 29.92 -14.30
N LYS A 226 7.84 30.12 -15.54
CA LYS A 226 6.46 30.54 -15.75
C LYS A 226 5.38 29.42 -15.62
N ALA A 227 5.75 28.16 -15.96
CA ALA A 227 4.85 27.02 -15.72
C ALA A 227 4.57 26.96 -14.23
N ARG A 228 5.62 27.16 -13.42
CA ARG A 228 5.51 27.00 -11.96
C ARG A 228 4.57 28.00 -11.35
N GLU A 229 4.64 29.23 -11.86
CA GLU A 229 3.80 30.27 -11.38
C GLU A 229 2.30 29.89 -11.51
N ILE A 230 1.92 29.36 -12.65
CA ILE A 230 0.51 28.96 -12.85
C ILE A 230 0.19 27.67 -12.09
N HIS A 231 1.10 26.73 -12.06
CA HIS A 231 0.92 25.50 -11.28
C HIS A 231 0.59 25.81 -9.79
N TYR A 232 1.39 26.67 -9.16
CA TYR A 232 1.15 27.02 -7.75
C TYR A 232 -0.04 27.90 -7.53
N LYS A 233 -0.37 28.77 -8.49
CA LYS A 233 -1.61 29.54 -8.36
C LYS A 233 -2.86 28.61 -8.40
N LEU A 234 -2.80 27.56 -9.22
CA LEU A 234 -3.90 26.59 -9.36
C LEU A 234 -3.86 25.39 -8.41
N PHE A 235 -2.80 25.31 -7.62
CA PHE A 235 -2.55 24.19 -6.76
C PHE A 235 -3.67 23.90 -5.76
N PRO A 236 -4.18 24.94 -5.07
CA PRO A 236 -5.36 24.61 -4.26
C PRO A 236 -6.56 24.08 -5.07
N LEU A 237 -6.80 24.66 -6.24
CA LEU A 237 -7.86 24.19 -7.09
C LEU A 237 -7.65 22.74 -7.56
N MET A 238 -6.43 22.41 -7.99
CA MET A 238 -6.08 21.05 -8.37
C MET A 238 -6.30 20.04 -7.22
N LYS A 239 -5.93 20.38 -6.02
CA LYS A 239 -6.27 19.51 -4.88
C LYS A 239 -7.77 19.41 -4.66
N ALA A 240 -8.48 20.54 -4.78
CA ALA A 240 -9.92 20.46 -4.64
C ALA A 240 -10.55 19.52 -5.66
N MET A 241 -9.97 19.39 -6.84
CA MET A 241 -10.62 18.55 -7.86
C MET A 241 -10.65 17.07 -7.42
N PHE A 242 -9.81 16.72 -6.46
CA PHE A 242 -9.93 15.37 -5.92
C PHE A 242 -10.33 15.28 -4.43
N ILE A 243 -10.92 16.35 -3.91
CA ILE A 243 -11.34 16.38 -2.51
C ILE A 243 -12.33 15.22 -2.18
N GLU A 244 -13.17 14.94 -3.15
CA GLU A 244 -13.89 13.68 -3.21
C GLU A 244 -13.59 13.13 -4.62
N THR A 245 -14.00 11.89 -4.88
CA THR A 245 -13.81 11.22 -6.16
C THR A 245 -14.28 12.04 -7.37
N ASN A 246 -13.35 12.40 -8.26
CA ASN A 246 -13.68 12.87 -9.62
C ASN A 246 -14.77 11.97 -10.28
N PRO A 247 -15.79 12.57 -10.94
CA PRO A 247 -16.06 14.00 -11.13
C PRO A 247 -17.01 14.75 -10.11
N ILE A 248 -17.10 14.28 -8.86
CA ILE A 248 -17.94 14.99 -7.93
C ILE A 248 -17.53 16.48 -7.77
N PRO A 249 -16.25 16.73 -7.46
CA PRO A 249 -15.76 18.09 -7.32
C PRO A 249 -15.86 18.96 -8.58
N VAL A 250 -15.43 18.46 -9.72
CA VAL A 250 -15.54 19.24 -10.95
C VAL A 250 -16.97 19.57 -11.31
N LYS A 251 -17.90 18.65 -11.15
CA LYS A 251 -19.29 19.02 -11.43
C LYS A 251 -19.82 20.03 -10.37
N THR A 252 -19.39 19.89 -9.12
CA THR A 252 -19.87 20.75 -8.08
C THR A 252 -19.39 22.16 -8.39
N ALA A 253 -18.09 22.25 -8.76
CA ALA A 253 -17.48 23.48 -9.15
C ALA A 253 -18.17 24.17 -10.37
N LEU A 254 -18.44 23.42 -11.46
CA LEU A 254 -19.19 23.96 -12.61
C LEU A 254 -20.57 24.45 -12.22
N ASN A 255 -21.29 23.70 -11.40
CA ASN A 255 -22.59 24.20 -10.92
C ASN A 255 -22.50 25.50 -10.12
N MET A 256 -21.48 25.58 -9.25
CA MET A 256 -21.25 26.80 -8.46
C MET A 256 -20.97 28.01 -9.34
N MET A 257 -20.31 27.76 -10.48
CA MET A 257 -19.94 28.83 -11.39
C MET A 257 -21.04 29.16 -12.36
N GLY A 258 -22.20 28.50 -12.17
CA GLY A 258 -23.35 28.56 -13.07
C GLY A 258 -23.10 28.08 -14.50
N ARG A 259 -22.24 27.09 -14.70
CA ARG A 259 -21.97 26.50 -16.02
C ARG A 259 -22.76 25.17 -16.10
N PRO A 260 -23.06 24.70 -17.32
CA PRO A 260 -23.84 23.44 -17.35
C PRO A 260 -23.08 22.30 -16.70
N ALA A 261 -23.75 21.58 -15.80
CA ALA A 261 -23.28 20.34 -15.17
C ALA A 261 -24.49 19.52 -14.65
N GLY A 262 -25.29 20.13 -13.80
CA GLY A 262 -26.35 19.42 -13.09
C GLY A 262 -25.90 18.30 -12.11
N GLU A 263 -26.73 17.28 -11.98
CA GLU A 263 -26.60 16.31 -10.90
C GLU A 263 -25.59 15.22 -11.28
N LEU A 264 -25.13 14.51 -10.25
CA LEU A 264 -24.36 13.31 -10.43
C LEU A 264 -25.29 12.11 -10.39
N ARG A 265 -24.91 11.06 -11.10
CA ARG A 265 -25.69 9.84 -11.12
C ARG A 265 -25.19 8.84 -10.09
N LEU A 266 -26.11 8.21 -9.37
CA LEU A 266 -25.69 7.22 -8.38
C LEU A 266 -24.88 6.13 -9.08
N PRO A 267 -23.84 5.62 -8.36
CA PRO A 267 -23.56 5.84 -6.94
C PRO A 267 -22.80 7.12 -6.54
N LEU A 268 -22.51 7.98 -7.51
CA LEU A 268 -21.97 9.28 -7.22
C LEU A 268 -23.07 10.14 -6.69
N CYS A 269 -22.72 11.07 -5.81
CA CYS A 269 -23.71 11.91 -5.16
C CYS A 269 -23.04 13.18 -4.67
N GLU A 270 -23.84 14.13 -4.22
CA GLU A 270 -23.34 15.41 -3.72
C GLU A 270 -22.19 15.33 -2.72
N MET A 271 -21.26 16.26 -2.85
CA MET A 271 -20.21 16.51 -1.91
C MET A 271 -20.75 16.84 -0.49
N SER A 272 -20.06 16.35 0.55
CA SER A 272 -20.33 16.78 1.96
C SER A 272 -20.28 18.31 2.12
N GLU A 273 -20.99 18.81 3.14
CA GLU A 273 -21.06 20.28 3.35
C GLU A 273 -19.68 20.84 3.62
N GLU A 274 -18.88 20.07 4.35
CA GLU A 274 -17.53 20.52 4.67
C GLU A 274 -16.62 20.63 3.43
N HIS A 275 -16.75 19.67 2.55
CA HIS A 275 -15.97 19.68 1.32
C HIS A 275 -16.45 20.78 0.37
N LYS A 276 -17.77 21.06 0.35
CA LYS A 276 -18.37 22.13 -0.47
C LYS A 276 -17.76 23.49 -0.18
N LYS A 277 -17.68 23.77 1.12
CA LYS A 277 -17.12 25.04 1.62
C LYS A 277 -15.65 25.21 1.25
N ILE A 278 -14.88 24.15 1.37
CA ILE A 278 -13.45 24.20 0.97
C ILE A 278 -13.36 24.53 -0.54
N LEU A 279 -14.15 23.83 -1.32
CA LEU A 279 -14.18 24.10 -2.76
C LEU A 279 -14.59 25.55 -3.02
N GLU A 280 -15.67 26.00 -2.35
CA GLU A 280 -16.15 27.36 -2.55
C GLU A 280 -15.08 28.40 -2.26
N ASN A 281 -14.34 28.18 -1.19
CA ASN A 281 -13.33 29.17 -0.79
C ASN A 281 -12.24 29.20 -1.84
N VAL A 282 -11.82 28.05 -2.35
CA VAL A 282 -10.79 28.09 -3.39
C VAL A 282 -11.30 28.79 -4.68
N LEU A 283 -12.54 28.52 -5.07
CA LEU A 283 -13.17 29.20 -6.22
C LEU A 283 -13.24 30.74 -6.05
N LYS A 284 -13.65 31.14 -4.83
CA LYS A 284 -13.68 32.54 -4.37
C LYS A 284 -12.27 33.11 -4.47
N ASP A 285 -11.25 32.44 -3.93
CA ASP A 285 -9.88 32.95 -4.03
C ASP A 285 -9.38 33.19 -5.45
N LEU A 286 -9.83 32.40 -6.42
CA LEU A 286 -9.42 32.59 -7.81
C LEU A 286 -10.40 33.53 -8.55
N GLY A 287 -11.51 33.85 -7.88
CA GLY A 287 -12.46 34.80 -8.44
C GLY A 287 -13.38 34.19 -9.44
N LEU A 288 -13.59 32.89 -9.35
CA LEU A 288 -14.44 32.18 -10.32
C LEU A 288 -15.89 32.16 -9.83
N ILE A 289 -16.01 32.47 -8.55
CA ILE A 289 -17.24 32.57 -7.77
C ILE A 289 -18.31 31.57 -8.14
N PHE B 2 -28.03 -17.36 6.24
CA PHE B 2 -26.84 -17.92 5.47
C PHE B 2 -25.86 -18.67 6.37
N LYS B 3 -25.58 -19.91 6.02
CA LYS B 3 -24.64 -20.72 6.75
C LYS B 3 -23.98 -21.78 5.86
N GLY B 4 -22.67 -21.97 6.04
CA GLY B 4 -21.98 -23.05 5.33
C GLY B 4 -21.27 -22.57 4.08
N VAL B 5 -21.21 -23.45 3.07
CA VAL B 5 -20.39 -23.23 1.88
C VAL B 5 -21.25 -22.94 0.64
N TYR B 6 -21.13 -21.73 0.08
CA TYR B 6 -21.72 -21.38 -1.21
C TYR B 6 -20.65 -21.18 -2.29
N PRO B 7 -20.45 -22.19 -3.13
CA PRO B 7 -19.56 -21.97 -4.28
C PRO B 7 -20.04 -20.83 -5.21
N ALA B 8 -19.09 -19.97 -5.57
CA ALA B 8 -19.31 -18.96 -6.62
C ALA B 8 -18.90 -19.71 -7.88
N ILE B 9 -19.90 -20.21 -8.61
CA ILE B 9 -19.63 -21.11 -9.71
C ILE B 9 -19.14 -20.38 -10.90
N ILE B 10 -18.31 -21.08 -11.67
CA ILE B 10 -17.81 -20.62 -12.94
C ILE B 10 -18.99 -20.65 -13.93
N THR B 11 -18.88 -19.86 -14.96
CA THR B 11 -19.71 -20.01 -16.15
C THR B 11 -18.92 -20.72 -17.23
N PRO B 12 -19.24 -22.01 -17.51
CA PRO B 12 -18.48 -22.73 -18.52
C PRO B 12 -18.90 -22.25 -19.91
N PHE B 13 -17.97 -22.26 -20.87
CA PHE B 13 -18.25 -21.88 -22.24
C PHE B 13 -17.88 -23.03 -23.14
N LYS B 14 -18.52 -23.14 -24.27
CA LYS B 14 -18.23 -24.14 -25.27
C LYS B 14 -18.56 -23.51 -26.61
N ASN B 15 -17.59 -23.52 -27.51
CA ASN B 15 -17.73 -22.92 -28.84
C ASN B 15 -18.19 -21.49 -28.75
N LYS B 16 -17.50 -20.74 -27.90
CA LYS B 16 -17.75 -19.29 -27.71
C LYS B 16 -19.09 -18.93 -27.01
N GLU B 17 -19.84 -19.93 -26.55
CA GLU B 17 -21.18 -19.72 -25.96
C GLU B 17 -21.25 -20.28 -24.56
N VAL B 18 -22.26 -19.88 -23.77
CA VAL B 18 -22.52 -20.52 -22.51
C VAL B 18 -22.85 -22.00 -22.76
N ASP B 19 -22.14 -22.84 -21.99
CA ASP B 19 -22.30 -24.28 -21.96
C ASP B 19 -23.36 -24.63 -20.88
N PHE B 20 -24.63 -24.61 -21.28
CA PHE B 20 -25.70 -24.85 -20.31
C PHE B 20 -25.69 -26.28 -19.69
N ASP B 21 -25.40 -27.30 -20.50
CA ASP B 21 -25.27 -28.70 -20.04
C ASP B 21 -24.16 -28.84 -19.00
N GLY B 22 -22.98 -28.26 -19.29
CA GLY B 22 -21.85 -28.25 -18.35
C GLY B 22 -22.24 -27.56 -17.08
N LEU B 23 -22.96 -26.45 -17.22
CA LEU B 23 -23.47 -25.74 -16.09
C LEU B 23 -24.32 -26.62 -15.17
N GLU B 24 -25.34 -27.26 -15.74
CA GLU B 24 -26.18 -28.26 -15.05
C GLU B 24 -25.37 -29.33 -14.33
N GLU B 25 -24.52 -30.01 -15.10
CA GLU B 25 -23.59 -31.01 -14.55
C GLU B 25 -22.78 -30.50 -13.32
N ASN B 26 -22.15 -29.30 -13.45
CA ASN B 26 -21.43 -28.65 -12.34
C ASN B 26 -22.34 -28.40 -11.10
N ILE B 27 -23.50 -27.85 -11.32
CA ILE B 27 -24.42 -27.58 -10.23
C ILE B 27 -24.75 -28.86 -9.49
N ASN B 28 -25.13 -29.89 -10.25
CA ASN B 28 -25.53 -31.17 -9.68
C ASN B 28 -24.39 -31.79 -8.89
N PHE B 29 -23.18 -31.71 -9.46
CA PHE B 29 -21.99 -32.18 -8.77
C PHE B 29 -21.80 -31.50 -7.41
N LEU B 30 -21.91 -30.17 -7.38
CA LEU B 30 -21.73 -29.42 -6.13
C LEU B 30 -22.81 -29.74 -5.06
N ILE B 31 -24.06 -29.87 -5.50
CA ILE B 31 -25.14 -30.25 -4.60
C ILE B 31 -24.88 -31.64 -4.01
N GLU B 32 -24.58 -32.63 -4.88
CA GLU B 32 -24.29 -34.00 -4.42
C GLU B 32 -23.18 -34.05 -3.34
N ASN B 33 -22.28 -33.08 -3.34
CA ASN B 33 -21.09 -33.09 -2.52
C ASN B 33 -21.18 -32.10 -1.36
N GLY B 34 -22.42 -31.65 -1.05
CA GLY B 34 -22.71 -31.01 0.25
C GLY B 34 -22.83 -29.48 0.36
N VAL B 35 -22.74 -28.75 -0.75
CA VAL B 35 -22.79 -27.30 -0.63
C VAL B 35 -24.16 -26.79 -0.12
N SER B 36 -24.15 -25.63 0.55
CA SER B 36 -25.37 -25.02 1.08
C SER B 36 -26.17 -24.21 0.08
N GLY B 37 -25.55 -23.91 -1.05
CA GLY B 37 -26.22 -23.09 -2.04
C GLY B 37 -25.28 -22.85 -3.18
N ILE B 38 -25.75 -22.04 -4.13
CA ILE B 38 -25.00 -21.74 -5.32
C ILE B 38 -24.96 -20.23 -5.53
N VAL B 39 -23.76 -19.65 -5.79
CA VAL B 39 -23.69 -18.22 -6.16
C VAL B 39 -23.40 -18.17 -7.63
N ALA B 40 -24.35 -17.60 -8.36
CA ALA B 40 -24.31 -17.57 -9.83
C ALA B 40 -23.90 -16.22 -10.34
N VAL B 41 -23.03 -16.24 -11.35
CA VAL B 41 -22.68 -15.04 -12.12
C VAL B 41 -22.12 -13.93 -11.21
N GLY B 42 -21.20 -14.31 -10.32
CA GLY B 42 -20.35 -13.34 -9.66
C GLY B 42 -19.09 -13.17 -10.46
N THR B 43 -18.04 -12.74 -9.77
CA THR B 43 -16.75 -12.53 -10.40
C THR B 43 -16.19 -13.84 -10.93
N THR B 44 -16.23 -14.86 -10.07
CA THR B 44 -15.81 -16.17 -10.50
C THR B 44 -16.60 -16.79 -11.73
N GLY B 45 -17.85 -16.35 -11.92
CA GLY B 45 -18.65 -16.69 -13.10
C GLY B 45 -18.47 -15.76 -14.27
N GLU B 46 -17.39 -14.95 -14.26
CA GLU B 46 -17.08 -13.95 -15.30
C GLU B 46 -18.20 -12.98 -15.67
N SER B 47 -18.94 -12.50 -14.66
CA SER B 47 -20.02 -11.52 -14.98
C SER B 47 -19.56 -10.33 -15.82
N PRO B 48 -18.32 -9.80 -15.59
CA PRO B 48 -17.96 -8.68 -16.47
C PRO B 48 -17.96 -8.98 -17.98
N THR B 49 -17.85 -10.26 -18.36
CA THR B 49 -17.75 -10.58 -19.81
C THR B 49 -18.96 -11.33 -20.39
N LEU B 50 -20.01 -11.46 -19.59
CA LEU B 50 -21.28 -11.97 -20.09
C LEU B 50 -22.07 -10.81 -20.61
N SER B 51 -22.73 -11.00 -21.75
CA SER B 51 -23.69 -10.00 -22.18
C SER B 51 -24.80 -9.97 -21.11
N HIS B 52 -25.64 -8.94 -21.15
CA HIS B 52 -26.80 -8.78 -20.30
C HIS B 52 -27.76 -9.97 -20.41
N GLU B 53 -27.98 -10.42 -21.65
CA GLU B 53 -28.83 -11.58 -21.94
C GLU B 53 -28.19 -12.92 -21.46
N GLU B 54 -26.86 -13.11 -21.65
CA GLU B 54 -26.21 -14.28 -21.05
C GLU B 54 -26.30 -14.29 -19.52
N HIS B 55 -26.14 -13.13 -18.91
CA HIS B 55 -26.23 -13.00 -17.46
C HIS B 55 -27.59 -13.51 -16.95
N LYS B 56 -28.69 -13.01 -17.54
CA LYS B 56 -30.06 -13.40 -17.17
C LYS B 56 -30.37 -14.90 -17.39
N LYS B 57 -29.89 -15.43 -18.50
CA LYS B 57 -29.99 -16.83 -18.83
C LYS B 57 -29.23 -17.80 -17.92
N VAL B 58 -28.00 -17.44 -17.62
CA VAL B 58 -27.27 -18.26 -16.68
C VAL B 58 -28.03 -18.35 -15.35
N ILE B 59 -28.47 -17.21 -14.81
CA ILE B 59 -29.25 -17.18 -13.58
C ILE B 59 -30.55 -18.01 -13.66
N GLU B 60 -31.35 -17.78 -14.71
CA GLU B 60 -32.52 -18.58 -14.96
C GLU B 60 -32.21 -20.06 -14.93
N LYS B 61 -31.18 -20.49 -15.67
CA LYS B 61 -30.75 -21.88 -15.67
C LYS B 61 -30.32 -22.41 -14.31
N VAL B 62 -29.60 -21.59 -13.56
CA VAL B 62 -29.20 -22.04 -12.23
C VAL B 62 -30.48 -22.26 -11.41
N VAL B 63 -31.42 -21.32 -11.47
CA VAL B 63 -32.69 -21.46 -10.71
C VAL B 63 -33.43 -22.76 -11.06
N ASP B 64 -33.48 -23.03 -12.38
CA ASP B 64 -34.19 -24.16 -12.93
C ASP B 64 -33.57 -25.50 -12.53
N VAL B 65 -32.23 -25.60 -12.65
CA VAL B 65 -31.48 -26.84 -12.28
C VAL B 65 -31.55 -27.10 -10.78
N VAL B 66 -31.20 -26.08 -9.99
CA VAL B 66 -31.37 -26.19 -8.55
C VAL B 66 -32.82 -26.63 -8.17
N ASN B 67 -33.83 -26.08 -8.86
CA ASN B 67 -35.24 -26.49 -8.59
C ASN B 67 -35.63 -26.47 -7.06
N GLY B 68 -35.24 -25.40 -6.35
CA GLY B 68 -35.48 -25.25 -4.92
C GLY B 68 -34.70 -26.14 -3.96
N ARG B 69 -33.83 -27.02 -4.45
CA ARG B 69 -33.08 -27.91 -3.53
C ARG B 69 -32.26 -27.16 -2.48
N VAL B 70 -31.48 -26.17 -2.92
CA VAL B 70 -30.61 -25.31 -2.05
C VAL B 70 -30.79 -23.87 -2.46
N GLN B 71 -30.27 -22.92 -1.68
CA GLN B 71 -30.49 -21.50 -1.94
C GLN B 71 -29.75 -21.13 -3.22
N VAL B 72 -30.39 -20.33 -4.06
CA VAL B 72 -29.73 -19.72 -5.22
C VAL B 72 -29.47 -18.23 -4.95
N ILE B 73 -28.18 -17.87 -4.92
CA ILE B 73 -27.82 -16.45 -4.76
C ILE B 73 -27.41 -15.85 -6.10
N ALA B 74 -28.13 -14.85 -6.58
CA ALA B 74 -27.86 -14.32 -7.91
C ALA B 74 -26.92 -13.08 -7.85
N GLY B 75 -25.79 -13.15 -8.55
CA GLY B 75 -25.00 -11.98 -8.81
C GLY B 75 -25.83 -10.88 -9.47
N ALA B 76 -25.86 -9.71 -8.85
CA ALA B 76 -26.59 -8.58 -9.44
C ALA B 76 -25.70 -7.39 -9.11
N GLY B 77 -26.18 -6.20 -8.98
CA GLY B 77 -24.95 -5.36 -8.64
C GLY B 77 -23.93 -5.04 -9.78
N SER B 78 -23.35 -3.85 -9.69
CA SER B 78 -22.89 -3.07 -10.81
C SER B 78 -22.38 -1.77 -10.17
N ASN B 79 -21.47 -1.07 -10.84
CA ASN B 79 -21.07 0.30 -10.43
C ASN B 79 -22.02 1.40 -10.94
N CYS B 80 -23.13 0.97 -11.54
CA CYS B 80 -24.20 1.85 -11.95
C CYS B 80 -25.47 1.43 -11.18
N THR B 81 -26.02 2.30 -10.33
CA THR B 81 -27.14 1.95 -9.45
C THR B 81 -28.43 1.48 -10.20
N GLU B 82 -28.79 2.24 -11.23
CA GLU B 82 -29.88 1.82 -12.11
C GLU B 82 -29.73 0.34 -12.57
N GLU B 83 -28.54 -0.05 -13.05
CA GLU B 83 -28.31 -1.45 -13.47
C GLU B 83 -28.42 -2.46 -12.32
N ALA B 84 -27.88 -2.05 -11.17
CA ALA B 84 -27.93 -2.92 -10.01
C ALA B 84 -29.38 -3.22 -9.62
N ILE B 85 -30.22 -2.18 -9.55
CA ILE B 85 -31.69 -2.35 -9.29
C ILE B 85 -32.30 -3.27 -10.35
N GLU B 86 -32.00 -3.00 -11.63
CA GLU B 86 -32.56 -3.82 -12.66
C GLU B 86 -32.19 -5.28 -12.47
N LEU B 87 -30.91 -5.54 -12.17
CA LEU B 87 -30.38 -6.90 -12.05
C LEU B 87 -30.99 -7.61 -10.89
N SER B 88 -31.24 -6.84 -9.80
CA SER B 88 -31.76 -7.36 -8.55
C SER B 88 -33.27 -7.71 -8.72
N VAL B 89 -34.01 -6.81 -9.33
CA VAL B 89 -35.42 -7.06 -9.62
C VAL B 89 -35.52 -8.27 -10.57
N PHE B 90 -34.60 -8.40 -11.50
CA PHE B 90 -34.61 -9.60 -12.32
C PHE B 90 -34.43 -10.92 -11.51
N ALA B 91 -33.48 -10.91 -10.58
CA ALA B 91 -33.15 -12.06 -9.78
C ALA B 91 -34.40 -12.46 -9.02
N GLU B 92 -35.12 -11.46 -8.51
CA GLU B 92 -36.34 -11.76 -7.74
C GLU B 92 -37.38 -12.39 -8.66
N ASP B 93 -37.62 -11.73 -9.80
CA ASP B 93 -38.62 -12.16 -10.72
C ASP B 93 -38.42 -13.56 -11.22
N VAL B 94 -37.16 -13.94 -11.43
CA VAL B 94 -36.80 -15.24 -12.04
C VAL B 94 -36.73 -16.36 -11.00
N GLY B 95 -36.88 -16.02 -9.73
CA GLY B 95 -37.00 -17.00 -8.67
C GLY B 95 -35.74 -17.34 -7.90
N ALA B 96 -34.70 -16.48 -7.96
CA ALA B 96 -33.54 -16.64 -7.08
C ALA B 96 -33.99 -16.46 -5.62
N ASP B 97 -33.18 -16.89 -4.64
CA ASP B 97 -33.55 -16.81 -3.22
C ASP B 97 -32.88 -15.62 -2.51
N ALA B 98 -31.83 -15.09 -3.13
CA ALA B 98 -31.06 -13.93 -2.59
C ALA B 98 -30.28 -13.32 -3.72
N VAL B 99 -29.70 -12.18 -3.40
CA VAL B 99 -28.89 -11.45 -4.32
C VAL B 99 -27.51 -11.20 -3.70
N LEU B 100 -26.46 -11.29 -4.51
CA LEU B 100 -25.14 -10.94 -4.08
C LEU B 100 -24.80 -9.59 -4.76
N SER B 101 -24.53 -8.58 -3.97
CA SER B 101 -24.44 -7.25 -4.54
C SER B 101 -23.07 -6.58 -4.20
N ILE B 102 -22.20 -6.48 -5.20
CA ILE B 102 -20.87 -5.91 -4.98
C ILE B 102 -20.86 -4.39 -4.81
N THR B 103 -19.97 -3.87 -3.98
CA THR B 103 -19.73 -2.43 -3.98
C THR B 103 -19.33 -1.98 -5.39
N PRO B 104 -19.96 -0.90 -5.87
CA PRO B 104 -19.41 -0.29 -7.10
C PRO B 104 -17.88 -0.23 -7.18
N TYR B 105 -17.35 -0.68 -8.30
CA TYR B 105 -15.92 -0.79 -8.53
C TYR B 105 -15.55 0.35 -9.48
N TYR B 106 -14.31 0.80 -9.40
CA TYR B 106 -13.75 1.75 -10.36
C TYR B 106 -14.18 3.22 -10.21
N ASN B 107 -15.47 3.49 -10.11
CA ASN B 107 -15.90 4.85 -9.92
C ASN B 107 -15.79 5.43 -8.49
N LYS B 108 -15.38 4.60 -7.53
CA LYS B 108 -15.02 5.03 -6.15
C LYS B 108 -16.06 5.95 -5.46
N PRO B 109 -17.28 5.46 -5.31
CA PRO B 109 -18.21 6.33 -4.62
C PRO B 109 -17.77 6.47 -3.14
N THR B 110 -18.25 7.52 -2.47
CA THR B 110 -18.02 7.74 -1.05
C THR B 110 -18.89 6.75 -0.26
N GLN B 111 -18.67 6.70 1.06
CA GLN B 111 -19.42 5.81 1.91
C GLN B 111 -20.92 6.16 1.81
N GLU B 112 -21.20 7.44 1.63
CA GLU B 112 -22.57 7.92 1.52
C GLU B 112 -23.16 7.46 0.18
N GLY B 113 -22.36 7.56 -0.88
CA GLY B 113 -22.69 6.95 -2.16
C GLY B 113 -23.03 5.49 -2.02
N LEU B 114 -22.22 4.72 -1.30
CA LEU B 114 -22.49 3.27 -1.12
C LEU B 114 -23.80 3.01 -0.38
N ARG B 115 -24.04 3.79 0.68
CA ARG B 115 -25.24 3.65 1.48
C ARG B 115 -26.43 3.87 0.56
N LYS B 116 -26.45 4.99 -0.17
CA LYS B 116 -27.57 5.29 -1.15
C LYS B 116 -27.72 4.26 -2.26
N HIS B 117 -26.61 3.78 -2.80
CA HIS B 117 -26.60 2.72 -3.82
C HIS B 117 -27.25 1.45 -3.28
N PHE B 118 -26.74 0.98 -2.14
CA PHE B 118 -27.29 -0.25 -1.57
C PHE B 118 -28.72 -0.08 -1.03
N GLY B 119 -29.05 1.14 -0.61
CA GLY B 119 -30.46 1.48 -0.21
C GLY B 119 -31.46 1.32 -1.38
N LYS B 120 -31.10 1.85 -2.54
CA LYS B 120 -31.92 1.74 -3.72
C LYS B 120 -32.07 0.28 -4.10
N VAL B 121 -30.99 -0.47 -4.00
CA VAL B 121 -31.08 -1.91 -4.28
C VAL B 121 -32.00 -2.66 -3.26
N ALA B 122 -31.81 -2.34 -1.97
CA ALA B 122 -32.58 -3.01 -0.96
C ALA B 122 -34.06 -2.66 -1.08
N GLU B 123 -34.38 -1.44 -1.56
CA GLU B 123 -35.81 -1.03 -1.70
C GLU B 123 -36.47 -1.70 -2.88
N SER B 124 -35.67 -2.04 -3.88
CA SER B 124 -36.20 -2.57 -5.14
C SER B 124 -36.73 -4.02 -5.05
N ILE B 125 -36.33 -4.75 -4.02
CA ILE B 125 -36.66 -6.18 -3.93
C ILE B 125 -37.02 -6.53 -2.51
N ASN B 126 -37.61 -7.70 -2.31
CA ASN B 126 -37.90 -8.23 -0.98
C ASN B 126 -36.97 -9.38 -0.62
N LEU B 127 -36.13 -9.81 -1.58
CA LEU B 127 -35.12 -10.86 -1.27
C LEU B 127 -34.02 -10.35 -0.32
N PRO B 128 -33.44 -11.28 0.49
CA PRO B 128 -32.22 -11.03 1.27
C PRO B 128 -31.04 -10.64 0.36
N ILE B 129 -30.19 -9.80 0.88
CA ILE B 129 -29.08 -9.30 0.14
C ILE B 129 -27.76 -9.59 0.87
N VAL B 130 -26.79 -10.13 0.13
CA VAL B 130 -25.45 -10.33 0.66
C VAL B 130 -24.65 -9.19 0.03
N LEU B 131 -24.22 -8.27 0.88
CA LEU B 131 -23.27 -7.23 0.41
C LEU B 131 -21.94 -7.86 0.07
N TYR B 132 -21.29 -7.38 -0.98
CA TYR B 132 -19.98 -7.91 -1.29
C TYR B 132 -18.87 -6.82 -1.26
N ASN B 133 -17.91 -7.02 -0.36
CA ASN B 133 -16.80 -6.06 -0.14
C ASN B 133 -15.51 -6.69 -0.57
N VAL B 134 -14.83 -6.13 -1.56
CA VAL B 134 -13.50 -6.64 -1.93
C VAL B 134 -12.62 -5.45 -2.42
N PRO B 135 -12.11 -4.61 -1.49
CA PRO B 135 -11.40 -3.39 -1.91
C PRO B 135 -10.23 -3.64 -2.91
N SER B 136 -9.63 -4.82 -2.84
CA SER B 136 -8.48 -5.12 -3.67
C SER B 136 -8.87 -5.10 -5.18
N ARG B 137 -10.17 -5.31 -5.48
CA ARG B 137 -10.65 -5.23 -6.87
C ARG B 137 -11.40 -3.94 -7.18
N THR B 138 -12.15 -3.44 -6.21
CA THR B 138 -13.08 -2.34 -6.47
C THR B 138 -12.49 -0.97 -6.20
N ALA B 139 -11.33 -0.91 -5.51
CA ALA B 139 -10.73 0.36 -5.05
C ALA B 139 -11.58 1.09 -3.99
N VAL B 140 -12.55 0.39 -3.41
CA VAL B 140 -13.36 0.96 -2.37
C VAL B 140 -13.56 -0.05 -1.19
N ASN B 141 -13.56 0.46 0.06
CA ASN B 141 -13.81 -0.36 1.23
C ASN B 141 -15.15 0.03 1.83
N LEU B 142 -16.03 -0.92 1.99
CA LEU B 142 -17.32 -0.62 2.59
C LEU B 142 -17.12 -0.72 4.10
N GLU B 143 -17.27 0.39 4.79
CA GLU B 143 -16.87 0.48 6.19
C GLU B 143 -17.90 -0.19 7.07
N PRO B 144 -17.45 -0.87 8.17
CA PRO B 144 -18.43 -1.50 9.05
C PRO B 144 -19.56 -0.56 9.49
N LYS B 145 -19.28 0.75 9.66
CA LYS B 145 -20.31 1.67 10.11
C LYS B 145 -21.42 1.87 9.05
N THR B 146 -21.03 1.81 7.77
CA THR B 146 -21.98 1.90 6.67
C THR B 146 -22.82 0.63 6.62
N VAL B 147 -22.21 -0.52 6.90
CA VAL B 147 -23.00 -1.76 6.92
C VAL B 147 -24.04 -1.68 8.04
N LYS B 148 -23.58 -1.27 9.22
CA LYS B 148 -24.46 -1.11 10.39
C LYS B 148 -25.67 -0.26 10.08
N LEU B 149 -25.43 0.89 9.47
CA LEU B 149 -26.45 1.78 8.99
C LEU B 149 -27.39 1.19 7.94
N LEU B 150 -26.85 0.41 7.00
CA LEU B 150 -27.71 -0.24 6.02
C LEU B 150 -28.60 -1.27 6.66
N ALA B 151 -27.98 -2.04 7.55
CA ALA B 151 -28.66 -3.20 8.12
C ALA B 151 -29.82 -2.74 9.03
N GLU B 152 -29.62 -1.58 9.68
CA GLU B 152 -30.61 -1.01 10.58
C GLU B 152 -31.79 -0.43 9.81
N GLU B 153 -31.54 0.10 8.63
CA GLU B 153 -32.67 0.65 7.87
C GLU B 153 -33.40 -0.37 7.02
N TYR B 154 -32.70 -1.41 6.58
CA TYR B 154 -33.28 -2.34 5.65
C TYR B 154 -33.13 -3.76 6.15
N SER B 155 -34.26 -4.42 6.39
CA SER B 155 -34.22 -5.70 7.07
C SER B 155 -33.78 -6.85 6.13
N ASN B 156 -33.76 -6.60 4.81
CA ASN B 156 -33.30 -7.61 3.86
C ASN B 156 -31.80 -7.51 3.55
N ILE B 157 -31.12 -6.56 4.16
CA ILE B 157 -29.68 -6.54 4.10
C ILE B 157 -29.23 -7.49 5.20
N SER B 158 -28.81 -8.69 4.80
CA SER B 158 -28.71 -9.74 5.74
C SER B 158 -27.31 -10.28 5.96
N ALA B 159 -26.41 -10.04 5.01
CA ALA B 159 -25.08 -10.62 5.12
C ALA B 159 -24.06 -9.80 4.38
N VAL B 160 -22.80 -9.97 4.73
CA VAL B 160 -21.77 -9.38 3.92
C VAL B 160 -20.76 -10.45 3.57
N LYS B 161 -20.43 -10.54 2.30
CA LYS B 161 -19.30 -11.37 1.87
C LYS B 161 -18.02 -10.55 2.06
N GLU B 162 -17.23 -10.93 3.06
CA GLU B 162 -16.12 -10.02 3.39
C GLU B 162 -14.79 -10.51 2.82
N ALA B 163 -14.29 -9.82 1.79
CA ALA B 163 -12.97 -10.20 1.20
C ALA B 163 -11.81 -9.27 1.58
N ASN B 164 -12.07 -8.29 2.43
CA ASN B 164 -11.01 -7.48 2.99
C ASN B 164 -10.17 -8.39 3.90
N PRO B 165 -8.86 -8.53 3.61
CA PRO B 165 -8.06 -9.46 4.40
C PRO B 165 -7.64 -9.00 5.81
N ASN B 166 -8.00 -7.77 6.20
CA ASN B 166 -7.75 -7.21 7.50
C ASN B 166 -8.88 -7.68 8.37
N LEU B 167 -8.60 -8.72 9.18
CA LEU B 167 -9.66 -9.36 9.96
C LEU B 167 -10.19 -8.55 11.12
N SER B 168 -9.52 -7.42 11.42
CA SER B 168 -10.16 -6.47 12.33
C SER B 168 -11.48 -5.98 11.76
N GLN B 169 -11.59 -5.86 10.43
CA GLN B 169 -12.83 -5.36 9.90
C GLN B 169 -13.94 -6.35 10.16
N VAL B 170 -13.61 -7.65 10.12
CA VAL B 170 -14.58 -8.71 10.43
C VAL B 170 -14.98 -8.68 11.95
N SER B 171 -14.00 -8.47 12.84
CA SER B 171 -14.28 -8.30 14.26
C SER B 171 -15.26 -7.13 14.48
N GLU B 172 -15.03 -6.01 13.80
CA GLU B 172 -15.92 -4.87 13.87
C GLU B 172 -17.33 -5.22 13.40
N LEU B 173 -17.45 -5.93 12.28
CA LEU B 173 -18.77 -6.34 11.76
C LEU B 173 -19.49 -7.27 12.76
N ILE B 174 -18.73 -8.17 13.36
CA ILE B 174 -19.29 -9.10 14.34
C ILE B 174 -19.68 -8.36 15.64
N HIS B 175 -18.80 -7.50 16.16
CA HIS B 175 -19.08 -6.66 17.35
C HIS B 175 -20.39 -5.85 17.24
N ASP B 176 -20.64 -5.27 16.07
CA ASP B 176 -21.95 -4.62 15.83
C ASP B 176 -23.12 -5.66 15.82
N ALA B 177 -22.82 -6.88 15.38
CA ALA B 177 -23.82 -7.92 15.37
C ALA B 177 -24.98 -7.45 14.53
N LYS B 178 -24.71 -6.84 13.38
CA LYS B 178 -25.86 -6.36 12.61
C LYS B 178 -26.21 -7.35 11.52
N ILE B 179 -25.26 -8.26 11.27
CA ILE B 179 -25.23 -8.96 10.00
C ILE B 179 -24.38 -10.24 10.09
N THR B 180 -24.78 -11.26 9.36
CA THR B 180 -23.97 -12.46 9.12
C THR B 180 -22.71 -12.14 8.28
N VAL B 181 -21.55 -12.58 8.77
CA VAL B 181 -20.34 -12.48 8.00
C VAL B 181 -20.03 -13.81 7.29
N LEU B 182 -19.89 -13.74 5.95
CA LEU B 182 -19.40 -14.84 5.16
C LEU B 182 -17.97 -14.49 4.72
N SER B 183 -17.08 -15.46 4.78
CA SER B 183 -15.77 -15.27 4.23
C SER B 183 -15.81 -15.02 2.71
N GLY B 184 -15.11 -13.97 2.27
CA GLY B 184 -14.78 -13.75 0.86
C GLY B 184 -13.45 -14.35 0.42
N ASN B 185 -12.70 -14.97 1.35
CA ASN B 185 -11.41 -15.59 0.98
C ASN B 185 -11.32 -16.97 1.51
N ASP B 186 -11.12 -17.90 0.61
CA ASP B 186 -11.08 -19.30 0.98
C ASP B 186 -10.11 -19.49 2.12
N GLU B 187 -8.90 -18.97 1.94
CA GLU B 187 -7.82 -19.27 2.88
C GLU B 187 -7.98 -18.58 4.26
N LEU B 188 -8.94 -17.64 4.36
CA LEU B 188 -9.23 -16.96 5.65
C LEU B 188 -10.53 -17.47 6.28
N THR B 189 -11.15 -18.45 5.62
CA THR B 189 -12.42 -19.02 6.10
C THR B 189 -12.33 -19.57 7.54
N LEU B 190 -11.33 -20.42 7.82
CA LEU B 190 -11.15 -20.96 9.18
C LEU B 190 -11.06 -19.80 10.24
N PRO B 191 -10.11 -18.85 10.10
CA PRO B 191 -10.02 -17.77 11.07
C PRO B 191 -11.21 -16.83 11.14
N ILE B 192 -11.84 -16.56 9.99
CA ILE B 192 -13.10 -15.80 9.99
C ILE B 192 -14.24 -16.50 10.75
N ILE B 193 -14.35 -17.82 10.61
CA ILE B 193 -15.37 -18.53 11.39
C ILE B 193 -15.05 -18.53 12.90
N ALA B 194 -13.77 -18.65 13.23
CA ALA B 194 -13.34 -18.52 14.62
C ALA B 194 -13.79 -17.19 15.24
N LEU B 195 -13.82 -16.14 14.42
CA LEU B 195 -14.22 -14.84 14.89
C LEU B 195 -15.73 -14.68 15.02
N GLY B 196 -16.47 -15.69 14.54
CA GLY B 196 -17.96 -15.63 14.51
C GLY B 196 -18.63 -15.60 13.11
N GLY B 197 -17.85 -15.70 12.05
CA GLY B 197 -18.41 -15.89 10.73
C GLY B 197 -19.25 -17.15 10.60
N LYS B 198 -20.15 -17.18 9.66
CA LYS B 198 -21.09 -18.29 9.54
C LYS B 198 -20.89 -19.15 8.28
N GLY B 199 -19.95 -18.76 7.41
CA GLY B 199 -19.63 -19.58 6.26
C GLY B 199 -18.76 -18.84 5.30
N VAL B 200 -18.88 -19.19 4.02
CA VAL B 200 -17.96 -18.71 2.97
C VAL B 200 -18.62 -18.76 1.59
N ILE B 201 -18.44 -17.67 0.81
CA ILE B 201 -18.73 -17.72 -0.62
C ILE B 201 -17.38 -18.12 -1.26
N SER B 202 -17.33 -19.29 -1.89
CA SER B 202 -16.06 -19.96 -2.10
C SER B 202 -15.65 -20.14 -3.56
N VAL B 203 -14.35 -20.01 -3.83
CA VAL B 203 -13.76 -20.41 -5.14
C VAL B 203 -13.32 -21.92 -5.24
N VAL B 204 -12.59 -22.35 -4.23
CA VAL B 204 -11.99 -23.65 -4.14
C VAL B 204 -13.06 -24.78 -3.96
N ALA B 205 -14.19 -24.46 -3.33
CA ALA B 205 -15.29 -25.37 -3.25
C ALA B 205 -15.71 -25.85 -4.62
N ASN B 206 -15.40 -25.14 -5.70
CA ASN B 206 -15.69 -25.67 -7.01
C ASN B 206 -14.89 -26.92 -7.36
N ILE B 207 -13.74 -27.07 -6.74
CA ILE B 207 -12.75 -28.12 -7.02
C ILE B 207 -12.86 -29.26 -6.02
N VAL B 208 -12.99 -28.91 -4.71
CA VAL B 208 -13.08 -29.89 -3.63
C VAL B 208 -14.26 -29.52 -2.76
N PRO B 209 -15.49 -29.60 -3.33
CA PRO B 209 -16.71 -29.24 -2.54
C PRO B 209 -16.81 -30.08 -1.24
N LYS B 210 -16.62 -31.40 -1.34
CA LYS B 210 -16.82 -32.25 -0.18
C LYS B 210 -15.90 -31.89 0.99
N GLU B 211 -14.60 -31.87 0.70
CA GLU B 211 -13.60 -31.57 1.72
C GLU B 211 -13.79 -30.19 2.36
N PHE B 212 -14.12 -29.19 1.54
CA PHE B 212 -14.27 -27.82 2.02
C PHE B 212 -15.54 -27.69 2.88
N VAL B 213 -16.63 -28.31 2.40
CA VAL B 213 -17.83 -28.43 3.22
C VAL B 213 -17.50 -29.06 4.61
N GLU B 214 -16.75 -30.15 4.62
CA GLU B 214 -16.37 -30.76 5.92
C GLU B 214 -15.52 -29.82 6.78
N MET B 215 -14.58 -29.10 6.18
CA MET B 215 -13.74 -28.18 6.95
C MET B 215 -14.60 -27.13 7.65
N VAL B 216 -15.52 -26.59 6.87
CA VAL B 216 -16.34 -25.48 7.28
C VAL B 216 -17.32 -25.87 8.38
N ASN B 217 -17.91 -27.08 8.26
CA ASN B 217 -18.80 -27.65 9.31
C ASN B 217 -18.03 -27.93 10.60
N TYR B 218 -16.84 -28.52 10.50
CA TYR B 218 -15.95 -28.71 11.68
C TYR B 218 -15.72 -27.39 12.34
N ALA B 219 -15.40 -26.35 11.55
CA ALA B 219 -15.21 -25.01 12.09
C ALA B 219 -16.47 -24.39 12.76
N LEU B 220 -17.63 -24.49 12.08
CA LEU B 220 -18.93 -24.06 12.63
C LEU B 220 -19.30 -24.85 13.89
N GLU B 221 -18.94 -26.14 13.97
CA GLU B 221 -19.19 -26.86 15.23
C GLU B 221 -18.17 -26.51 16.35
N GLY B 222 -17.12 -25.78 15.98
CA GLY B 222 -16.05 -25.37 16.87
C GLY B 222 -14.93 -26.38 17.01
N ASP B 223 -14.82 -27.31 16.09
CA ASP B 223 -13.76 -28.29 16.17
C ASP B 223 -12.59 -27.88 15.31
N PHE B 224 -11.75 -27.00 15.84
CA PHE B 224 -10.71 -26.41 14.99
C PHE B 224 -9.56 -27.28 14.70
N GLU B 225 -9.40 -28.31 15.52
CA GLU B 225 -8.40 -29.31 15.29
C GLU B 225 -8.65 -29.98 13.95
N LYS B 226 -9.89 -30.43 13.74
CA LYS B 226 -10.22 -31.12 12.50
C LYS B 226 -10.35 -30.09 11.34
N ALA B 227 -10.91 -28.91 11.60
CA ALA B 227 -10.95 -27.85 10.58
C ALA B 227 -9.49 -27.54 10.08
N ARG B 228 -8.53 -27.46 11.00
CA ARG B 228 -7.12 -27.18 10.66
C ARG B 228 -6.51 -28.22 9.76
N GLU B 229 -6.75 -29.51 10.08
CA GLU B 229 -6.28 -30.60 9.24
C GLU B 229 -6.65 -30.45 7.76
N ILE B 230 -7.90 -30.13 7.48
CA ILE B 230 -8.33 -29.96 6.10
C ILE B 230 -7.77 -28.64 5.51
N HIS B 231 -7.80 -27.55 6.29
CA HIS B 231 -7.28 -26.25 5.85
C HIS B 231 -5.83 -26.45 5.43
N TYR B 232 -5.04 -27.16 6.25
CA TYR B 232 -3.64 -27.38 5.86
C TYR B 232 -3.45 -28.36 4.71
N LYS B 233 -4.35 -29.34 4.63
CA LYS B 233 -4.33 -30.23 3.50
C LYS B 233 -4.63 -29.47 2.19
N LEU B 234 -5.54 -28.50 2.25
CA LEU B 234 -5.96 -27.75 1.07
C LEU B 234 -5.15 -26.46 0.81
N PHE B 235 -4.31 -26.10 1.75
CA PHE B 235 -3.56 -24.86 1.66
C PHE B 235 -2.82 -24.62 0.32
N PRO B 236 -2.00 -25.61 -0.15
CA PRO B 236 -1.35 -25.33 -1.44
C PRO B 236 -2.38 -25.10 -2.58
N LEU B 237 -3.47 -25.86 -2.60
CA LEU B 237 -4.56 -25.60 -3.56
C LEU B 237 -5.18 -24.20 -3.43
N MET B 238 -5.53 -23.81 -2.19
CA MET B 238 -6.10 -22.48 -1.95
C MET B 238 -5.18 -21.36 -2.41
N LYS B 239 -3.88 -21.49 -2.19
CA LYS B 239 -2.93 -20.52 -2.77
C LYS B 239 -2.92 -20.57 -4.30
N ALA B 240 -2.94 -21.79 -4.87
CA ALA B 240 -2.94 -21.95 -6.32
C ALA B 240 -4.15 -21.24 -6.92
N MET B 241 -5.27 -21.17 -6.15
CA MET B 241 -6.49 -20.51 -6.63
C MET B 241 -6.35 -18.98 -6.83
N PHE B 242 -5.30 -18.39 -6.29
CA PHE B 242 -5.04 -16.97 -6.59
C PHE B 242 -3.63 -16.74 -7.21
N ILE B 243 -3.05 -17.80 -7.71
CA ILE B 243 -1.72 -17.65 -8.35
C ILE B 243 -1.76 -16.66 -9.53
N GLU B 244 -2.93 -16.57 -10.17
CA GLU B 244 -3.31 -15.47 -11.04
C GLU B 244 -4.75 -15.10 -10.67
N THR B 245 -5.24 -14.02 -11.22
CA THR B 245 -6.53 -13.53 -10.84
C THR B 245 -7.62 -14.58 -11.05
N ASN B 246 -8.39 -14.85 -10.00
CA ASN B 246 -9.64 -15.61 -10.09
C ASN B 246 -10.62 -14.94 -11.10
N PRO B 247 -11.27 -15.73 -11.97
CA PRO B 247 -11.26 -17.22 -12.04
C PRO B 247 -10.25 -17.87 -13.00
N ILE B 248 -9.15 -17.23 -13.34
CA ILE B 248 -8.26 -17.98 -14.22
C ILE B 248 -7.75 -19.33 -13.60
N PRO B 249 -7.24 -19.35 -12.33
CA PRO B 249 -6.83 -20.68 -11.80
C PRO B 249 -7.90 -21.77 -11.72
N VAL B 250 -9.10 -21.40 -11.26
CA VAL B 250 -10.21 -22.35 -11.02
C VAL B 250 -10.68 -22.97 -12.35
N LYS B 251 -10.88 -22.14 -13.37
CA LYS B 251 -11.18 -22.67 -14.74
C LYS B 251 -10.03 -23.53 -15.26
N THR B 252 -8.80 -23.11 -15.04
CA THR B 252 -7.63 -23.90 -15.41
C THR B 252 -7.63 -25.27 -14.73
N ALA B 253 -7.80 -25.30 -13.39
CA ALA B 253 -7.92 -26.55 -12.63
C ALA B 253 -9.08 -27.47 -13.13
N LEU B 254 -10.22 -26.87 -13.48
CA LEU B 254 -11.38 -27.64 -13.94
C LEU B 254 -11.16 -28.27 -15.31
N ASN B 255 -10.51 -27.54 -16.21
CA ASN B 255 -10.09 -28.12 -17.50
C ASN B 255 -9.06 -29.24 -17.32
N MET B 256 -8.05 -29.02 -16.47
CA MET B 256 -7.06 -30.05 -16.20
C MET B 256 -7.78 -31.31 -15.69
N MET B 257 -8.87 -31.11 -14.96
CA MET B 257 -9.63 -32.19 -14.35
C MET B 257 -10.66 -32.80 -15.28
N GLY B 258 -10.75 -32.33 -16.54
CA GLY B 258 -11.82 -32.83 -17.44
C GLY B 258 -13.26 -32.49 -17.07
N ARG B 259 -13.46 -31.47 -16.25
CA ARG B 259 -14.83 -31.06 -15.89
C ARG B 259 -15.22 -29.88 -16.79
N PRO B 260 -16.53 -29.61 -16.92
CA PRO B 260 -16.95 -28.43 -17.74
C PRO B 260 -16.41 -27.11 -17.24
N ALA B 261 -15.82 -26.36 -18.15
CA ALA B 261 -15.21 -25.07 -17.85
C ALA B 261 -14.91 -24.33 -19.18
N GLY B 262 -14.07 -24.94 -20.02
CA GLY B 262 -13.77 -24.33 -21.29
C GLY B 262 -12.89 -23.08 -21.14
N GLU B 263 -13.09 -22.18 -22.10
CA GLU B 263 -12.24 -21.03 -22.30
C GLU B 263 -12.61 -19.89 -21.32
N LEU B 264 -11.64 -19.03 -21.12
CA LEU B 264 -11.79 -17.74 -20.43
C LEU B 264 -12.08 -16.67 -21.47
N ARG B 265 -12.93 -15.72 -21.14
CA ARG B 265 -13.17 -14.56 -22.01
C ARG B 265 -12.23 -13.37 -21.75
N LEU B 266 -11.64 -12.86 -22.80
CA LEU B 266 -10.78 -11.66 -22.72
C LEU B 266 -11.54 -10.53 -21.99
N PRO B 267 -10.83 -9.81 -21.14
CA PRO B 267 -9.35 -9.80 -20.96
C PRO B 267 -8.70 -10.87 -20.11
N LEU B 268 -9.48 -11.77 -19.52
CA LEU B 268 -8.89 -12.95 -18.84
C LEU B 268 -8.36 -13.90 -19.94
N CYS B 269 -7.29 -14.60 -19.63
CA CYS B 269 -6.70 -15.48 -20.62
C CYS B 269 -5.96 -16.59 -19.90
N GLU B 270 -5.48 -17.54 -20.67
CA GLU B 270 -4.84 -18.72 -20.17
C GLU B 270 -3.64 -18.34 -19.34
N MET B 271 -3.50 -19.08 -18.26
CA MET B 271 -2.47 -18.96 -17.21
C MET B 271 -1.04 -19.08 -17.79
N SER B 272 -0.02 -18.50 -17.18
CA SER B 272 1.33 -18.73 -17.69
C SER B 272 1.68 -20.23 -17.57
N GLU B 273 2.56 -20.70 -18.45
CA GLU B 273 3.12 -22.06 -18.36
C GLU B 273 3.78 -22.32 -16.98
N GLU B 274 4.49 -21.34 -16.47
CA GLU B 274 5.06 -21.43 -15.11
C GLU B 274 4.00 -21.74 -14.03
N HIS B 275 2.91 -20.97 -14.08
CA HIS B 275 1.80 -21.14 -13.12
C HIS B 275 1.01 -22.45 -13.32
N LYS B 276 0.85 -22.86 -14.57
CA LYS B 276 0.20 -24.14 -14.91
C LYS B 276 0.92 -25.34 -14.27
N LYS B 277 2.25 -25.32 -14.32
CA LYS B 277 3.08 -26.37 -13.78
C LYS B 277 2.89 -26.43 -12.27
N ILE B 278 2.95 -25.29 -11.59
CA ILE B 278 2.69 -25.26 -10.14
C ILE B 278 1.28 -25.83 -9.88
N LEU B 279 0.26 -25.40 -10.64
CA LEU B 279 -1.11 -25.80 -10.32
C LEU B 279 -1.25 -27.33 -10.56
N GLU B 280 -0.66 -27.78 -11.65
CA GLU B 280 -0.84 -29.17 -11.98
C GLU B 280 -0.22 -30.06 -10.90
N ASN B 281 0.92 -29.67 -10.36
CA ASN B 281 1.52 -30.47 -9.30
C ASN B 281 0.64 -30.53 -8.02
N VAL B 282 -0.01 -29.42 -7.70
CA VAL B 282 -0.90 -29.28 -6.56
C VAL B 282 -2.12 -30.20 -6.77
N LEU B 283 -2.64 -30.24 -7.98
CA LEU B 283 -3.76 -31.12 -8.30
C LEU B 283 -3.35 -32.60 -8.23
N LYS B 284 -2.13 -32.89 -8.66
CA LYS B 284 -1.58 -34.24 -8.60
C LYS B 284 -1.35 -34.66 -7.13
N ASP B 285 -0.77 -33.78 -6.35
CA ASP B 285 -0.63 -34.10 -4.91
C ASP B 285 -1.95 -34.43 -4.23
N LEU B 286 -3.06 -33.92 -4.74
CA LEU B 286 -4.38 -34.19 -4.16
C LEU B 286 -5.06 -35.41 -4.82
N GLY B 287 -4.43 -35.96 -5.86
CA GLY B 287 -5.05 -37.07 -6.61
C GLY B 287 -6.21 -36.63 -7.50
N LEU B 288 -6.27 -35.33 -7.79
CA LEU B 288 -7.33 -34.78 -8.61
C LEU B 288 -7.05 -34.94 -10.12
N ILE B 289 -5.81 -35.23 -10.50
CA ILE B 289 -5.53 -35.57 -11.90
C ILE B 289 -4.64 -36.81 -12.04
N PHE C 2 7.23 -22.50 23.69
CA PHE C 2 6.45 -21.23 23.96
C PHE C 2 4.96 -21.40 23.82
N LYS C 3 4.25 -20.99 24.86
CA LYS C 3 2.79 -21.18 24.88
C LYS C 3 2.04 -20.24 25.85
N GLY C 4 0.97 -19.60 25.38
CA GLY C 4 0.22 -18.69 26.22
C GLY C 4 0.48 -17.22 26.01
N VAL C 5 0.29 -16.44 27.06
CA VAL C 5 0.31 -15.00 27.02
C VAL C 5 1.62 -14.50 27.58
N TYR C 6 2.28 -13.66 26.79
CA TYR C 6 3.56 -13.09 27.16
C TYR C 6 3.46 -11.57 27.07
N PRO C 7 3.08 -10.88 28.16
CA PRO C 7 2.95 -9.43 27.99
C PRO C 7 4.31 -8.86 27.60
N ALA C 8 4.29 -7.94 26.65
CA ALA C 8 5.44 -7.13 26.33
C ALA C 8 5.38 -5.92 27.32
N ILE C 9 6.23 -5.92 28.34
CA ILE C 9 6.04 -4.93 29.40
C ILE C 9 6.54 -3.55 29.09
N ILE C 10 5.86 -2.54 29.61
CA ILE C 10 6.34 -1.16 29.49
C ILE C 10 7.57 -1.04 30.38
N THR C 11 8.37 -0.01 30.14
CA THR C 11 9.41 0.36 31.06
C THR C 11 8.92 1.62 31.80
N PRO C 12 8.50 1.45 33.08
CA PRO C 12 8.04 2.62 33.79
C PRO C 12 9.16 3.62 34.07
N PHE C 13 8.81 4.89 34.02
CA PHE C 13 9.81 5.93 34.34
C PHE C 13 9.38 6.71 35.56
N LYS C 14 10.33 7.36 36.21
CA LYS C 14 10.08 8.27 37.33
C LYS C 14 11.30 9.14 37.45
N ASN C 15 11.13 10.46 37.35
CA ASN C 15 12.27 11.38 37.41
C ASN C 15 13.39 11.14 36.38
N LYS C 16 12.98 10.87 35.14
CA LYS C 16 13.86 10.66 33.97
C LYS C 16 14.69 9.39 34.09
N GLU C 17 14.33 8.56 35.07
CA GLU C 17 15.04 7.32 35.26
C GLU C 17 14.06 6.15 35.23
N VAL C 18 14.57 4.97 34.89
CA VAL C 18 13.78 3.72 35.09
C VAL C 18 13.25 3.61 36.52
N ASP C 19 11.95 3.38 36.62
CA ASP C 19 11.27 3.12 37.87
C ASP C 19 11.40 1.61 38.23
N PHE C 20 12.53 1.23 38.83
CA PHE C 20 12.76 -0.18 39.21
C PHE C 20 11.74 -0.77 40.17
N ASP C 21 11.26 0.02 41.14
CA ASP C 21 10.23 -0.50 42.05
C ASP C 21 8.92 -0.69 41.31
N GLY C 22 8.59 0.27 40.45
CA GLY C 22 7.40 0.16 39.64
C GLY C 22 7.46 -1.02 38.70
N LEU C 23 8.60 -1.24 38.06
CA LEU C 23 8.78 -2.44 37.25
C LEU C 23 8.43 -3.73 38.03
N GLU C 24 8.96 -3.81 39.25
CA GLU C 24 8.77 -4.97 40.12
C GLU C 24 7.32 -5.15 40.47
N GLU C 25 6.68 -4.06 40.83
CA GLU C 25 5.25 -4.06 41.03
C GLU C 25 4.43 -4.62 39.82
N ASN C 26 4.80 -4.22 38.61
CA ASN C 26 4.15 -4.67 37.34
C ASN C 26 4.35 -6.16 37.02
N ILE C 27 5.58 -6.62 37.14
CA ILE C 27 5.93 -8.03 36.91
C ILE C 27 5.12 -8.99 37.79
N ASN C 28 5.14 -8.77 39.09
CA ASN C 28 4.33 -9.53 40.08
C ASN C 28 2.82 -9.43 39.80
N PHE C 29 2.35 -8.27 39.39
CA PHE C 29 0.95 -8.20 38.95
C PHE C 29 0.68 -9.18 37.80
N LEU C 30 1.53 -9.13 36.80
CA LEU C 30 1.34 -10.03 35.66
C LEU C 30 1.47 -11.50 36.07
N ILE C 31 2.51 -11.81 36.84
CA ILE C 31 2.71 -13.22 37.25
C ILE C 31 1.50 -13.84 38.00
N GLU C 32 1.01 -13.06 38.94
CA GLU C 32 -0.14 -13.38 39.77
C GLU C 32 -1.41 -13.61 38.94
N ASN C 33 -1.51 -12.94 37.78
CA ASN C 33 -2.63 -13.18 36.86
C ASN C 33 -2.43 -14.23 35.77
N GLY C 34 -1.34 -15.02 35.84
CA GLY C 34 -1.26 -16.24 35.04
C GLY C 34 -0.47 -16.24 33.73
N VAL C 35 0.27 -15.17 33.44
CA VAL C 35 1.03 -15.10 32.20
C VAL C 35 2.03 -16.21 32.22
N SER C 36 2.42 -16.68 31.04
CA SER C 36 3.43 -17.73 30.92
C SER C 36 4.80 -17.15 30.97
N GLY C 37 4.92 -15.85 30.72
CA GLY C 37 6.22 -15.24 30.64
C GLY C 37 6.15 -13.75 30.38
N ILE C 38 7.33 -13.11 30.28
CA ILE C 38 7.45 -11.65 30.23
C ILE C 38 8.43 -11.37 29.11
N VAL C 39 8.13 -10.38 28.26
CA VAL C 39 9.05 -9.90 27.22
C VAL C 39 9.58 -8.55 27.68
N ALA C 40 10.87 -8.47 27.96
CA ALA C 40 11.43 -7.27 28.53
C ALA C 40 12.05 -6.40 27.45
N VAL C 41 11.90 -5.08 27.57
CA VAL C 41 12.57 -4.13 26.69
C VAL C 41 12.36 -4.50 25.22
N GLY C 42 11.12 -4.67 24.83
CA GLY C 42 10.85 -4.69 23.41
C GLY C 42 10.39 -3.29 23.05
N THR C 43 9.64 -3.20 21.96
CA THR C 43 9.25 -1.90 21.53
C THR C 43 8.22 -1.26 22.46
N THR C 44 7.36 -2.07 23.05
CA THR C 44 6.43 -1.62 24.12
C THR C 44 7.19 -1.16 25.38
N GLY C 45 8.40 -1.69 25.59
CA GLY C 45 9.30 -1.24 26.67
C GLY C 45 10.20 -0.08 26.27
N GLU C 46 9.89 0.52 25.12
CA GLU C 46 10.59 1.71 24.59
C GLU C 46 12.08 1.48 24.42
N SER C 47 12.47 0.30 23.98
CA SER C 47 13.90 0.05 23.80
C SER C 47 14.63 1.09 23.00
N PRO C 48 13.96 1.73 22.00
CA PRO C 48 14.72 2.71 21.22
C PRO C 48 15.29 3.88 22.07
N THR C 49 14.58 4.29 23.09
CA THR C 49 14.97 5.43 23.90
C THR C 49 15.60 5.06 25.25
N LEU C 50 15.90 3.78 25.47
CA LEU C 50 16.70 3.40 26.63
C LEU C 50 18.18 3.46 26.31
N SER C 51 18.98 3.93 27.24
CA SER C 51 20.46 3.79 27.05
C SER C 51 20.83 2.31 27.06
N HIS C 52 21.98 2.00 26.47
CA HIS C 52 22.64 0.67 26.56
C HIS C 52 22.66 0.22 28.03
N GLU C 53 23.01 1.11 28.97
CA GLU C 53 23.04 0.73 30.37
C GLU C 53 21.66 0.36 30.85
N GLU C 54 20.64 1.18 30.51
CA GLU C 54 19.28 0.98 31.06
C GLU C 54 18.69 -0.34 30.52
N HIS C 55 19.03 -0.65 29.27
CA HIS C 55 18.59 -1.83 28.59
C HIS C 55 19.01 -3.01 29.43
N LYS C 56 20.31 -3.10 29.73
CA LYS C 56 20.86 -4.21 30.50
C LYS C 56 20.25 -4.25 31.90
N LYS C 57 20.06 -3.07 32.52
CA LYS C 57 19.54 -2.98 33.89
C LYS C 57 18.10 -3.42 33.95
N VAL C 58 17.33 -3.08 32.92
CA VAL C 58 15.92 -3.54 32.92
C VAL C 58 15.82 -5.06 32.83
N ILE C 59 16.59 -5.66 31.90
CA ILE C 59 16.58 -7.10 31.73
C ILE C 59 17.08 -7.80 32.98
N GLU C 60 18.17 -7.31 33.59
CA GLU C 60 18.68 -7.88 34.86
C GLU C 60 17.57 -7.89 35.94
N LYS C 61 16.93 -6.72 36.14
CA LYS C 61 15.82 -6.57 37.09
C LYS C 61 14.64 -7.53 36.83
N VAL C 62 14.26 -7.69 35.57
CA VAL C 62 13.19 -8.64 35.25
C VAL C 62 13.62 -10.08 35.61
N VAL C 63 14.82 -10.47 35.20
CA VAL C 63 15.35 -11.79 35.58
C VAL C 63 15.27 -11.96 37.11
N ASP C 64 15.85 -11.03 37.85
CA ASP C 64 15.94 -11.13 39.31
C ASP C 64 14.55 -11.16 39.96
N VAL C 65 13.64 -10.24 39.59
CA VAL C 65 12.27 -10.29 40.14
C VAL C 65 11.51 -11.57 39.76
N VAL C 66 11.67 -12.04 38.53
CA VAL C 66 10.87 -13.15 38.11
C VAL C 66 11.32 -14.35 38.91
N ASN C 67 12.63 -14.57 38.98
CA ASN C 67 13.25 -15.61 39.78
C ASN C 67 12.77 -17.03 39.36
N GLY C 68 12.95 -17.37 38.08
CA GLY C 68 12.54 -18.69 37.54
C GLY C 68 11.03 -19.01 37.48
N ARG C 69 10.17 -18.10 37.93
CA ARG C 69 8.73 -18.38 38.04
C ARG C 69 7.97 -18.50 36.71
N VAL C 70 8.36 -17.66 35.75
CA VAL C 70 7.79 -17.71 34.37
C VAL C 70 8.94 -17.42 33.43
N GLN C 71 8.75 -17.51 32.12
CA GLN C 71 9.87 -17.32 31.21
C GLN C 71 10.18 -15.85 31.02
N VAL C 72 11.47 -15.51 30.99
CA VAL C 72 11.88 -14.16 30.67
C VAL C 72 12.49 -14.21 29.28
N ILE C 73 11.83 -13.54 28.35
CA ILE C 73 12.30 -13.40 26.98
C ILE C 73 12.83 -11.96 26.90
N ALA C 74 14.09 -11.80 26.56
CA ALA C 74 14.69 -10.45 26.56
C ALA C 74 14.78 -9.91 25.15
N GLY C 75 14.28 -8.69 24.93
CA GLY C 75 14.58 -7.92 23.71
C GLY C 75 16.07 -7.76 23.44
N ALA C 76 16.53 -8.17 22.27
CA ALA C 76 17.98 -8.18 21.97
C ALA C 76 18.19 -7.95 20.47
N GLY C 77 17.18 -7.46 19.76
CA GLY C 77 17.37 -7.21 18.36
C GLY C 77 17.95 -5.85 18.06
N SER C 78 18.42 -5.71 16.86
CA SER C 78 18.98 -4.43 16.41
C SER C 78 19.09 -4.53 14.89
N ASN C 79 19.20 -3.41 14.21
CA ASN C 79 19.42 -3.40 12.76
C ASN C 79 20.92 -3.41 12.45
N CYS C 80 21.74 -3.57 13.48
CA CYS C 80 23.17 -3.81 13.35
C CYS C 80 23.42 -5.18 13.96
N THR C 81 23.95 -6.08 13.12
CA THR C 81 24.21 -7.46 13.52
C THR C 81 25.19 -7.63 14.67
N GLU C 82 26.28 -6.85 14.65
CA GLU C 82 27.23 -6.85 15.73
C GLU C 82 26.51 -6.45 17.02
N GLU C 83 25.65 -5.43 16.96
CA GLU C 83 24.90 -5.06 18.16
C GLU C 83 23.88 -6.13 18.65
N ALA C 84 23.08 -6.66 17.72
CA ALA C 84 22.22 -7.85 18.01
C ALA C 84 22.96 -9.02 18.74
N ILE C 85 24.15 -9.39 18.24
CA ILE C 85 24.96 -10.49 18.82
C ILE C 85 25.28 -10.15 20.27
N GLU C 86 25.80 -8.95 20.47
CA GLU C 86 26.18 -8.47 21.79
C GLU C 86 25.01 -8.41 22.75
N LEU C 87 23.85 -7.88 22.32
CA LEU C 87 22.64 -7.92 23.19
C LEU C 87 22.19 -9.34 23.56
N SER C 88 22.32 -10.27 22.61
CA SER C 88 21.86 -11.64 22.79
C SER C 88 22.78 -12.34 23.78
N VAL C 89 24.06 -12.11 23.62
CA VAL C 89 25.05 -12.66 24.54
C VAL C 89 24.80 -12.18 25.95
N PHE C 90 24.49 -10.91 26.10
CA PHE C 90 24.17 -10.40 27.39
C PHE C 90 22.94 -11.04 28.01
N ALA C 91 21.90 -11.29 27.21
CA ALA C 91 20.65 -11.82 27.74
C ALA C 91 20.87 -13.23 28.33
N GLU C 92 21.64 -14.05 27.60
CA GLU C 92 22.14 -15.31 28.06
C GLU C 92 22.97 -15.18 29.34
N ASP C 93 24.00 -14.35 29.32
CA ASP C 93 24.81 -14.20 30.52
C ASP C 93 24.02 -13.70 31.72
N VAL C 94 23.02 -12.86 31.49
CA VAL C 94 22.28 -12.29 32.62
C VAL C 94 21.23 -13.29 33.19
N GLY C 95 21.00 -14.42 32.54
CA GLY C 95 20.05 -15.42 33.05
C GLY C 95 18.65 -15.41 32.41
N ALA C 96 18.50 -14.82 31.22
CA ALA C 96 17.16 -14.79 30.61
C ALA C 96 16.87 -16.14 30.02
N ASP C 97 15.60 -16.48 29.86
CA ASP C 97 15.25 -17.80 29.26
C ASP C 97 15.29 -17.89 27.72
N ALA C 98 15.14 -16.75 27.06
CA ALA C 98 15.11 -16.65 25.59
C ALA C 98 15.31 -15.21 25.13
N VAL C 99 15.48 -15.05 23.83
CA VAL C 99 15.73 -13.78 23.21
C VAL C 99 14.63 -13.50 22.15
N LEU C 100 14.06 -12.30 22.18
CA LEU C 100 13.18 -11.79 21.13
C LEU C 100 14.03 -10.99 20.14
N SER C 101 14.02 -11.37 18.87
CA SER C 101 14.97 -10.74 17.93
C SER C 101 14.24 -10.16 16.72
N ILE C 102 14.17 -8.82 16.64
CA ILE C 102 13.44 -8.12 15.57
C ILE C 102 14.21 -8.13 14.27
N THR C 103 13.52 -8.22 13.14
CA THR C 103 14.18 -8.10 11.85
C THR C 103 14.74 -6.68 11.83
N PRO C 104 16.02 -6.49 11.45
CA PRO C 104 16.57 -5.14 11.22
C PRO C 104 15.56 -4.23 10.60
N TYR C 105 15.30 -3.07 11.25
CA TYR C 105 14.39 -1.99 10.80
C TYR C 105 15.21 -0.92 10.05
N TYR C 106 14.55 -0.20 9.14
CA TYR C 106 15.14 0.99 8.47
C TYR C 106 16.21 0.73 7.37
N ASN C 107 17.25 -0.06 7.65
CA ASN C 107 18.23 -0.33 6.59
C ASN C 107 17.80 -1.41 5.52
N LYS C 108 16.62 -2.03 5.69
CA LYS C 108 15.99 -2.92 4.68
C LYS C 108 16.89 -4.03 4.06
N PRO C 109 17.44 -4.91 4.91
CA PRO C 109 18.25 -6.03 4.39
C PRO C 109 17.43 -6.95 3.49
N THR C 110 18.08 -7.58 2.50
CA THR C 110 17.40 -8.60 1.66
C THR C 110 17.10 -9.82 2.50
N GLN C 111 16.35 -10.78 1.95
CA GLN C 111 16.09 -12.04 2.66
C GLN C 111 17.39 -12.75 2.99
N GLU C 112 18.37 -12.67 2.09
CA GLU C 112 19.64 -13.32 2.42
C GLU C 112 20.35 -12.62 3.61
N GLY C 113 20.43 -11.29 3.60
CA GLY C 113 20.91 -10.51 4.76
C GLY C 113 20.15 -10.78 6.06
N LEU C 114 18.81 -10.85 6.00
CA LEU C 114 18.01 -11.36 7.16
C LEU C 114 18.47 -12.73 7.67
N ARG C 115 18.63 -13.70 6.75
CA ARG C 115 19.12 -15.04 7.10
C ARG C 115 20.53 -14.99 7.71
N LYS C 116 21.46 -14.26 7.09
CA LYS C 116 22.82 -14.10 7.69
C LYS C 116 22.77 -13.44 9.09
N HIS C 117 22.00 -12.35 9.22
CA HIS C 117 21.81 -11.62 10.52
C HIS C 117 21.32 -12.56 11.63
N PHE C 118 20.22 -13.24 11.39
CA PHE C 118 19.66 -14.18 12.38
C PHE C 118 20.57 -15.41 12.63
N GLY C 119 21.25 -15.89 11.59
CA GLY C 119 22.26 -16.93 11.82
C GLY C 119 23.36 -16.57 12.79
N LYS C 120 23.83 -15.34 12.72
CA LYS C 120 24.92 -14.88 13.59
C LYS C 120 24.47 -14.81 15.02
N VAL C 121 23.23 -14.35 15.19
CA VAL C 121 22.52 -14.32 16.46
C VAL C 121 22.39 -15.75 16.99
N ALA C 122 21.84 -16.68 16.20
CA ALA C 122 21.66 -18.08 16.60
C ALA C 122 22.97 -18.73 17.04
N GLU C 123 24.04 -18.50 16.27
CA GLU C 123 25.39 -19.00 16.59
C GLU C 123 26.01 -18.42 17.88
N SER C 124 25.65 -17.19 18.23
CA SER C 124 26.24 -16.52 19.43
C SER C 124 25.74 -17.05 20.79
N ILE C 125 24.63 -17.80 20.79
CA ILE C 125 23.97 -18.19 22.03
C ILE C 125 23.33 -19.58 21.97
N ASN C 126 23.04 -20.16 23.14
CA ASN C 126 22.31 -21.41 23.15
C ASN C 126 20.86 -21.28 23.49
N LEU C 127 20.45 -20.07 23.86
CA LEU C 127 19.06 -19.80 24.22
C LEU C 127 18.15 -19.93 23.01
N PRO C 128 16.87 -20.31 23.26
CA PRO C 128 15.84 -20.24 22.24
C PRO C 128 15.63 -18.80 21.80
N ILE C 129 15.46 -18.64 20.48
CA ILE C 129 15.22 -17.34 19.87
C ILE C 129 13.77 -17.20 19.34
N VAL C 130 13.09 -16.10 19.72
CA VAL C 130 11.83 -15.68 19.05
C VAL C 130 12.11 -14.58 18.01
N LEU C 131 11.90 -14.89 16.74
CA LEU C 131 12.11 -13.92 15.68
C LEU C 131 10.88 -13.04 15.74
N TYR C 132 11.03 -11.78 15.36
CA TYR C 132 9.95 -10.82 15.44
C TYR C 132 9.81 -10.10 14.11
N ASN C 133 8.67 -10.34 13.46
CA ASN C 133 8.34 -9.75 12.16
C ASN C 133 7.22 -8.73 12.32
N VAL C 134 7.50 -7.47 11.96
CA VAL C 134 6.49 -6.36 12.02
C VAL C 134 6.76 -5.35 10.90
N PRO C 135 6.49 -5.77 9.66
CA PRO C 135 6.75 -4.99 8.46
C PRO C 135 6.20 -3.55 8.53
N SER C 136 5.10 -3.34 9.28
CA SER C 136 4.50 -1.99 9.31
C SER C 136 5.36 -0.99 10.10
N ARG C 137 6.38 -1.48 10.79
CA ARG C 137 7.38 -0.67 11.52
C ARG C 137 8.79 -0.75 10.89
N THR C 138 9.17 -1.96 10.48
CA THR C 138 10.54 -2.23 9.99
C THR C 138 10.81 -1.97 8.52
N ALA C 139 9.73 -1.89 7.73
CA ALA C 139 9.74 -1.82 6.26
C ALA C 139 10.31 -3.06 5.56
N VAL C 140 10.37 -4.17 6.28
CA VAL C 140 10.87 -5.41 5.70
C VAL C 140 9.99 -6.57 6.20
N ASN C 141 9.63 -7.48 5.31
CA ASN C 141 8.89 -8.71 5.68
C ASN C 141 9.78 -9.97 5.70
N LEU C 142 9.94 -10.53 6.89
CA LEU C 142 10.59 -11.81 7.02
C LEU C 142 9.72 -12.95 6.45
N GLU C 143 10.10 -13.47 5.29
CA GLU C 143 9.31 -14.45 4.56
C GLU C 143 9.37 -15.83 5.19
N PRO C 144 8.23 -16.56 5.12
CA PRO C 144 8.21 -17.93 5.66
C PRO C 144 9.31 -18.85 5.13
N LYS C 145 9.69 -18.76 3.86
CA LYS C 145 10.79 -19.64 3.37
C LYS C 145 12.13 -19.33 4.06
N THR C 146 12.29 -18.09 4.52
CA THR C 146 13.50 -17.69 5.22
C THR C 146 13.48 -18.21 6.64
N VAL C 147 12.34 -18.16 7.30
CA VAL C 147 12.16 -18.81 8.62
C VAL C 147 12.42 -20.32 8.54
N LYS C 148 11.92 -20.94 7.46
CA LYS C 148 12.07 -22.38 7.27
C LYS C 148 13.57 -22.71 7.21
N LEU C 149 14.31 -22.03 6.34
CA LEU C 149 15.79 -22.26 6.22
C LEU C 149 16.48 -22.01 7.53
N LEU C 150 16.05 -20.98 8.27
CA LEU C 150 16.66 -20.70 9.56
C LEU C 150 16.39 -21.77 10.61
N ALA C 151 15.13 -22.14 10.77
CA ALA C 151 14.76 -23.19 11.73
C ALA C 151 15.41 -24.52 11.40
N GLU C 152 15.54 -24.82 10.12
CA GLU C 152 16.31 -25.98 9.63
C GLU C 152 17.79 -25.97 10.02
N GLU C 153 18.45 -24.81 9.93
CA GLU C 153 19.87 -24.73 10.22
C GLU C 153 20.18 -24.66 11.73
N TYR C 154 19.29 -24.04 12.52
CA TYR C 154 19.57 -23.72 13.91
C TYR C 154 18.41 -24.20 14.76
N SER C 155 18.71 -25.07 15.71
CA SER C 155 17.69 -25.67 16.54
C SER C 155 17.16 -24.72 17.63
N ASN C 156 17.86 -23.60 17.86
CA ASN C 156 17.43 -22.60 18.85
C ASN C 156 16.50 -21.50 18.27
N ILE C 157 16.43 -21.42 16.94
CA ILE C 157 15.35 -20.70 16.27
C ILE C 157 14.02 -21.47 16.44
N SER C 158 13.26 -20.97 17.42
CA SER C 158 12.18 -21.72 18.02
C SER C 158 10.74 -21.17 17.71
N ALA C 159 10.61 -19.86 17.59
CA ALA C 159 9.29 -19.23 17.44
C ALA C 159 9.43 -17.99 16.59
N VAL C 160 8.28 -17.53 16.09
CA VAL C 160 8.14 -16.23 15.46
C VAL C 160 6.94 -15.50 16.06
N LYS C 161 7.19 -14.28 16.52
CA LYS C 161 6.16 -13.29 16.86
C LYS C 161 5.81 -12.65 15.52
N GLU C 162 4.64 -12.98 15.04
CA GLU C 162 4.20 -12.56 13.70
C GLU C 162 3.20 -11.40 13.84
N ALA C 163 3.61 -10.19 13.44
CA ALA C 163 2.67 -9.07 13.40
C ALA C 163 2.27 -8.63 11.97
N ASN C 164 2.74 -9.36 10.96
CA ASN C 164 2.18 -9.20 9.60
C ASN C 164 0.67 -9.52 9.72
N PRO C 165 -0.21 -8.57 9.35
CA PRO C 165 -1.66 -8.78 9.45
C PRO C 165 -2.27 -9.73 8.39
N ASN C 166 -1.50 -10.13 7.37
CA ASN C 166 -1.94 -11.09 6.35
C ASN C 166 -1.75 -12.49 6.88
N LEU C 167 -2.85 -13.16 7.20
CA LEU C 167 -2.79 -14.37 7.99
C LEU C 167 -2.43 -15.58 7.13
N SER C 168 -2.32 -15.35 5.82
CA SER C 168 -1.76 -16.38 4.92
C SER C 168 -0.32 -16.57 5.22
N GLN C 169 0.34 -15.56 5.76
CA GLN C 169 1.74 -15.73 6.14
C GLN C 169 1.86 -16.64 7.37
N VAL C 170 0.93 -16.51 8.29
CA VAL C 170 0.82 -17.42 9.44
C VAL C 170 0.49 -18.88 8.98
N SER C 171 -0.47 -19.05 8.06
CA SER C 171 -0.78 -20.38 7.52
C SER C 171 0.46 -20.98 6.87
N GLU C 172 1.22 -20.15 6.14
CA GLU C 172 2.46 -20.66 5.53
C GLU C 172 3.54 -21.06 6.53
N LEU C 173 3.71 -20.28 7.56
CA LEU C 173 4.58 -20.66 8.68
C LEU C 173 4.16 -21.99 9.34
N ILE C 174 2.87 -22.14 9.59
CA ILE C 174 2.35 -23.36 10.26
C ILE C 174 2.44 -24.58 9.36
N HIS C 175 2.06 -24.40 8.09
CA HIS C 175 2.20 -25.39 7.03
C HIS C 175 3.65 -25.87 6.86
N ASP C 176 4.56 -24.95 6.58
CA ASP C 176 6.00 -25.20 6.47
C ASP C 176 6.48 -25.25 7.90
N ALA C 177 6.07 -26.30 8.62
CA ALA C 177 5.91 -26.31 10.09
C ALA C 177 7.16 -26.37 10.98
N LYS C 178 8.16 -25.50 10.86
CA LYS C 178 9.28 -25.78 11.77
C LYS C 178 9.34 -24.88 12.96
N ILE C 179 8.31 -24.04 13.17
CA ILE C 179 8.34 -23.11 14.29
C ILE C 179 6.98 -22.89 14.98
N THR C 180 7.03 -22.51 16.24
CA THR C 180 5.85 -22.03 16.97
C THR C 180 5.52 -20.60 16.55
N VAL C 181 4.25 -20.34 16.26
CA VAL C 181 3.81 -19.02 15.90
C VAL C 181 3.16 -18.40 17.13
N LEU C 182 3.66 -17.22 17.49
CA LEU C 182 3.06 -16.37 18.46
C LEU C 182 2.43 -15.17 17.76
N SER C 183 1.22 -14.84 18.14
CA SER C 183 0.58 -13.63 17.66
C SER C 183 1.39 -12.41 18.07
N GLY C 184 1.65 -11.54 17.10
CA GLY C 184 2.21 -10.24 17.41
C GLY C 184 1.20 -9.13 17.43
N ASN C 185 -0.10 -9.46 17.27
CA ASN C 185 -1.24 -8.52 17.31
C ASN C 185 -2.33 -9.02 18.21
N ASP C 186 -2.61 -8.25 19.26
CA ASP C 186 -3.64 -8.66 20.25
C ASP C 186 -4.98 -9.06 19.60
N GLU C 187 -5.45 -8.23 18.68
CA GLU C 187 -6.77 -8.39 18.06
C GLU C 187 -6.80 -9.54 17.08
N LEU C 188 -5.65 -10.10 16.72
CA LEU C 188 -5.64 -11.21 15.79
C LEU C 188 -5.27 -12.48 16.51
N THR C 189 -5.11 -12.39 17.82
CA THR C 189 -4.72 -13.59 18.59
C THR C 189 -5.66 -14.81 18.44
N LEU C 190 -6.94 -14.55 18.57
CA LEU C 190 -7.98 -15.56 18.42
C LEU C 190 -7.92 -16.24 17.02
N PRO C 191 -8.00 -15.46 15.89
CA PRO C 191 -7.83 -16.20 14.61
C PRO C 191 -6.44 -16.83 14.41
N ILE C 192 -5.39 -16.24 14.97
CA ILE C 192 -4.07 -16.85 14.78
C ILE C 192 -3.96 -18.23 15.53
N ILE C 193 -4.52 -18.32 16.74
CA ILE C 193 -4.55 -19.58 17.48
C ILE C 193 -5.46 -20.56 16.76
N ALA C 194 -6.60 -20.08 16.28
CA ALA C 194 -7.47 -20.94 15.48
C ALA C 194 -6.65 -21.56 14.31
N LEU C 195 -5.72 -20.76 13.73
CA LEU C 195 -4.93 -21.26 12.64
C LEU C 195 -3.84 -22.23 13.10
N GLY C 196 -3.61 -22.31 14.41
CA GLY C 196 -2.56 -23.16 14.91
C GLY C 196 -1.47 -22.42 15.68
N GLY C 197 -1.55 -21.09 15.80
CA GLY C 197 -0.71 -20.33 16.74
C GLY C 197 -0.84 -20.82 18.21
N LYS C 198 0.16 -20.53 19.04
CA LYS C 198 0.24 -21.14 20.38
C LYS C 198 0.24 -20.13 21.52
N GLY C 199 0.22 -18.85 21.20
CA GLY C 199 0.27 -17.82 22.23
C GLY C 199 0.31 -16.46 21.59
N VAL C 200 0.66 -15.45 22.38
CA VAL C 200 0.69 -14.08 21.90
C VAL C 200 1.74 -13.34 22.71
N ILE C 201 2.47 -12.44 22.06
CA ILE C 201 3.25 -11.46 22.81
C ILE C 201 2.44 -10.19 22.75
N SER C 202 2.01 -9.74 23.90
CA SER C 202 0.82 -8.89 23.94
C SER C 202 1.05 -7.52 24.55
N VAL C 203 0.39 -6.50 24.01
CA VAL C 203 0.34 -5.18 24.67
C VAL C 203 -0.83 -5.12 25.71
N VAL C 204 -2.00 -5.55 25.26
CA VAL C 204 -3.16 -5.41 26.12
C VAL C 204 -3.03 -6.21 27.42
N ALA C 205 -2.24 -7.28 27.40
CA ALA C 205 -2.08 -8.12 28.58
C ALA C 205 -1.37 -7.37 29.72
N ASN C 206 -0.87 -6.16 29.46
CA ASN C 206 -0.33 -5.31 30.52
C ASN C 206 -1.48 -4.76 31.36
N ILE C 207 -2.65 -4.67 30.75
CA ILE C 207 -3.82 -3.99 31.30
C ILE C 207 -4.81 -4.98 31.93
N VAL C 208 -5.07 -6.07 31.18
CA VAL C 208 -6.02 -7.10 31.59
C VAL C 208 -5.33 -8.45 31.44
N PRO C 209 -4.28 -8.70 32.25
CA PRO C 209 -3.55 -9.98 32.16
C PRO C 209 -4.45 -11.23 32.31
N LYS C 210 -5.33 -11.19 33.31
CA LYS C 210 -6.16 -12.33 33.69
C LYS C 210 -7.12 -12.72 32.57
N GLU C 211 -7.90 -11.74 32.10
CA GLU C 211 -8.89 -11.94 31.04
C GLU C 211 -8.22 -12.45 29.77
N PHE C 212 -7.05 -11.89 29.42
CA PHE C 212 -6.37 -12.30 28.19
C PHE C 212 -5.85 -13.71 28.28
N VAL C 213 -5.42 -14.06 29.48
CA VAL C 213 -4.92 -15.41 29.76
C VAL C 213 -6.04 -16.43 29.57
N GLU C 214 -7.23 -16.09 30.07
CA GLU C 214 -8.39 -16.98 29.92
C GLU C 214 -8.81 -17.09 28.47
N MET C 215 -8.83 -15.96 27.75
CA MET C 215 -9.20 -16.01 26.32
C MET C 215 -8.29 -16.99 25.58
N VAL C 216 -6.99 -16.75 25.71
CA VAL C 216 -5.99 -17.56 25.06
C VAL C 216 -6.10 -19.04 25.42
N ASN C 217 -6.19 -19.32 26.72
CA ASN C 217 -6.42 -20.70 27.16
C ASN C 217 -7.67 -21.34 26.56
N TYR C 218 -8.81 -20.63 26.51
CA TYR C 218 -9.96 -21.12 25.74
C TYR C 218 -9.63 -21.44 24.28
N ALA C 219 -9.01 -20.48 23.57
CA ALA C 219 -8.60 -20.72 22.16
C ALA C 219 -7.67 -21.91 22.03
N LEU C 220 -6.71 -22.08 22.96
CA LEU C 220 -5.77 -23.17 22.90
C LEU C 220 -6.49 -24.49 23.14
N GLU C 221 -7.57 -24.46 23.96
CA GLU C 221 -8.32 -25.67 24.31
C GLU C 221 -9.26 -25.98 23.18
N GLY C 222 -9.52 -25.00 22.32
CA GLY C 222 -10.44 -25.17 21.20
C GLY C 222 -11.88 -24.74 21.47
N ASP C 223 -12.05 -23.98 22.54
CA ASP C 223 -13.37 -23.44 22.89
C ASP C 223 -13.48 -21.97 22.45
N PHE C 224 -13.79 -21.77 21.15
CA PHE C 224 -13.90 -20.45 20.56
C PHE C 224 -15.16 -19.68 20.92
N GLU C 225 -16.19 -20.38 21.36
CA GLU C 225 -17.33 -19.67 21.86
C GLU C 225 -16.92 -18.86 23.10
N LYS C 226 -16.23 -19.52 24.03
CA LYS C 226 -15.80 -18.79 25.21
C LYS C 226 -14.68 -17.79 24.88
N ALA C 227 -13.79 -18.17 23.96
CA ALA C 227 -12.73 -17.25 23.50
C ALA C 227 -13.33 -16.01 22.85
N ARG C 228 -14.37 -16.18 22.00
CA ARG C 228 -14.94 -15.00 21.27
C ARG C 228 -15.56 -13.99 22.23
N GLU C 229 -16.19 -14.54 23.24
CA GLU C 229 -16.83 -13.75 24.29
C GLU C 229 -15.87 -12.78 25.00
N ILE C 230 -14.66 -13.23 25.32
CA ILE C 230 -13.65 -12.32 25.87
C ILE C 230 -13.04 -11.45 24.77
N HIS C 231 -12.82 -12.00 23.57
CA HIS C 231 -12.32 -11.18 22.45
C HIS C 231 -13.20 -9.94 22.28
N TYR C 232 -14.51 -10.15 22.16
CA TYR C 232 -15.45 -9.06 21.92
C TYR C 232 -15.60 -8.06 23.09
N LYS C 233 -15.62 -8.57 24.32
CA LYS C 233 -15.60 -7.73 25.55
C LYS C 233 -14.43 -6.76 25.51
N LEU C 234 -13.29 -7.25 25.06
CA LEU C 234 -12.02 -6.51 25.08
C LEU C 234 -11.73 -5.80 23.76
N PHE C 235 -12.52 -6.15 22.72
CA PHE C 235 -12.30 -5.54 21.41
C PHE C 235 -12.14 -4.01 21.39
N PRO C 236 -13.07 -3.24 22.00
CA PRO C 236 -12.79 -1.79 22.03
C PRO C 236 -11.45 -1.41 22.71
N LEU C 237 -11.14 -2.06 23.84
CA LEU C 237 -9.85 -1.92 24.50
C LEU C 237 -8.65 -2.21 23.56
N MET C 238 -8.72 -3.31 22.78
CA MET C 238 -7.66 -3.65 21.84
C MET C 238 -7.45 -2.58 20.78
N LYS C 239 -8.53 -2.07 20.23
CA LYS C 239 -8.40 -0.96 19.32
C LYS C 239 -7.76 0.22 20.00
N ALA C 240 -8.17 0.53 21.23
CA ALA C 240 -7.67 1.75 21.88
C ALA C 240 -6.19 1.60 22.11
N MET C 241 -5.71 0.34 22.17
CA MET C 241 -4.24 0.10 22.32
C MET C 241 -3.45 0.52 21.08
N PHE C 242 -4.11 0.81 19.96
CA PHE C 242 -3.38 1.41 18.81
C PHE C 242 -3.95 2.74 18.34
N ILE C 243 -4.62 3.45 19.26
CA ILE C 243 -5.27 4.66 18.84
C ILE C 243 -4.19 5.68 18.49
N GLU C 244 -3.05 5.58 19.18
CA GLU C 244 -1.82 6.15 18.66
C GLU C 244 -0.79 5.06 18.80
N THR C 245 0.43 5.35 18.37
CA THR C 245 1.48 4.37 18.34
C THR C 245 1.79 3.79 19.70
N ASN C 246 1.70 2.46 19.76
CA ASN C 246 2.20 1.67 20.90
C ASN C 246 3.66 2.07 21.17
N PRO C 247 4.02 2.29 22.44
CA PRO C 247 3.27 2.18 23.69
C PRO C 247 2.57 3.43 24.22
N ILE C 248 2.31 4.44 23.38
CA ILE C 248 1.64 5.65 23.88
C ILE C 248 0.34 5.29 24.63
N PRO C 249 -0.64 4.60 23.99
CA PRO C 249 -1.86 4.26 24.66
C PRO C 249 -1.68 3.35 25.88
N VAL C 250 -0.85 2.32 25.81
CA VAL C 250 -0.80 1.43 26.98
C VAL C 250 -0.26 2.14 28.27
N LYS C 251 0.81 2.92 28.13
CA LYS C 251 1.30 3.77 29.20
C LYS C 251 0.25 4.76 29.65
N THR C 252 -0.46 5.40 28.70
CA THR C 252 -1.50 6.34 29.08
C THR C 252 -2.52 5.66 29.95
N ALA C 253 -2.91 4.45 29.55
CA ALA C 253 -3.97 3.70 30.20
C ALA C 253 -3.58 3.33 31.65
N LEU C 254 -2.33 2.88 31.81
CA LEU C 254 -1.73 2.53 33.10
C LEU C 254 -1.64 3.72 34.04
N ASN C 255 -1.17 4.84 33.53
CA ASN C 255 -1.23 6.09 34.31
C ASN C 255 -2.66 6.35 34.81
N MET C 256 -3.65 6.21 33.91
CA MET C 256 -5.05 6.42 34.22
C MET C 256 -5.49 5.52 35.36
N MET C 257 -4.97 4.29 35.39
CA MET C 257 -5.43 3.31 36.36
C MET C 257 -4.65 3.45 37.66
N GLY C 258 -3.73 4.42 37.70
CA GLY C 258 -2.84 4.61 38.86
C GLY C 258 -1.73 3.55 39.01
N ARG C 259 -1.43 2.81 37.95
CA ARG C 259 -0.35 1.81 38.00
C ARG C 259 0.95 2.42 37.49
N PRO C 260 2.10 1.86 37.89
CA PRO C 260 3.41 2.41 37.46
C PRO C 260 3.58 2.44 35.94
N ALA C 261 3.97 3.61 35.42
CA ALA C 261 4.20 3.87 33.99
C ALA C 261 5.02 5.16 33.83
N GLY C 262 4.47 6.29 34.26
CA GLY C 262 5.19 7.57 34.17
C GLY C 262 5.22 8.07 32.73
N GLU C 263 6.25 8.81 32.37
CA GLU C 263 6.25 9.52 31.09
C GLU C 263 6.69 8.64 29.91
N LEU C 264 6.41 9.13 28.71
CA LEU C 264 7.00 8.64 27.49
C LEU C 264 8.23 9.46 27.16
N ARG C 265 9.25 8.75 26.68
CA ARG C 265 10.43 9.39 26.12
C ARG C 265 10.28 9.88 24.66
N LEU C 266 10.71 11.12 24.39
CA LEU C 266 10.73 11.62 23.02
C LEU C 266 11.50 10.69 22.04
N PRO C 267 11.01 10.58 20.80
CA PRO C 267 9.97 11.34 20.14
C PRO C 267 8.54 10.88 20.44
N LEU C 268 8.36 9.87 21.31
CA LEU C 268 7.01 9.54 21.76
C LEU C 268 6.55 10.62 22.73
N CYS C 269 5.26 10.90 22.72
CA CYS C 269 4.76 11.94 23.60
C CYS C 269 3.30 11.68 23.89
N GLU C 270 2.79 12.43 24.87
CA GLU C 270 1.38 12.44 25.31
C GLU C 270 0.35 12.31 24.16
N MET C 271 -0.67 11.51 24.40
CA MET C 271 -1.82 11.36 23.52
C MET C 271 -2.60 12.70 23.30
N SER C 272 -3.16 12.91 22.10
CA SER C 272 -4.34 13.84 21.88
C SER C 272 -5.30 13.89 23.05
N GLU C 273 -5.89 15.05 23.27
CA GLU C 273 -7.02 15.22 24.19
C GLU C 273 -8.23 14.39 23.70
N GLU C 274 -8.43 14.41 22.39
CA GLU C 274 -9.49 13.63 21.75
C GLU C 274 -9.26 12.14 22.01
N HIS C 275 -8.07 11.65 21.66
CA HIS C 275 -7.76 10.24 21.84
C HIS C 275 -7.85 9.79 23.33
N LYS C 276 -7.44 10.67 24.28
CA LYS C 276 -7.52 10.27 25.70
C LYS C 276 -8.94 10.11 26.13
N LYS C 277 -9.83 10.94 25.57
CA LYS C 277 -11.23 10.88 25.94
C LYS C 277 -11.78 9.51 25.55
N ILE C 278 -11.51 9.08 24.31
CA ILE C 278 -11.89 7.73 23.83
C ILE C 278 -11.32 6.61 24.71
N LEU C 279 -10.02 6.66 24.97
CA LEU C 279 -9.40 5.67 25.88
C LEU C 279 -10.04 5.67 27.27
N GLU C 280 -10.15 6.86 27.84
CA GLU C 280 -10.78 7.03 29.14
C GLU C 280 -12.14 6.30 29.18
N ASN C 281 -13.00 6.60 28.20
CA ASN C 281 -14.30 5.96 28.10
C ASN C 281 -14.23 4.47 27.93
N VAL C 282 -13.29 3.97 27.12
CA VAL C 282 -13.14 2.51 26.99
C VAL C 282 -12.82 1.90 28.37
N LEU C 283 -11.85 2.50 29.05
CA LEU C 283 -11.43 2.05 30.35
C LEU C 283 -12.58 2.00 31.36
N LYS C 284 -13.29 3.12 31.43
CA LYS C 284 -14.53 3.25 32.24
C LYS C 284 -15.57 2.14 31.96
N ASP C 285 -15.99 1.92 30.72
CA ASP C 285 -16.93 0.85 30.44
C ASP C 285 -16.48 -0.51 30.98
N LEU C 286 -15.16 -0.70 31.19
CA LEU C 286 -14.67 -1.98 31.69
C LEU C 286 -14.51 -2.01 33.25
N GLY C 287 -14.78 -0.87 33.90
CA GLY C 287 -14.61 -0.73 35.34
C GLY C 287 -13.16 -0.81 35.80
N LEU C 288 -12.25 -0.40 34.93
CA LEU C 288 -10.83 -0.40 35.23
C LEU C 288 -10.43 0.96 35.84
N ILE C 289 -11.23 1.99 35.55
CA ILE C 289 -11.21 3.32 36.20
C ILE C 289 -12.66 3.79 36.49
N PHE D 2 21.35 25.96 0.58
CA PHE D 2 21.55 24.60 -0.12
C PHE D 2 21.08 24.57 -1.56
N LYS D 3 22.01 24.26 -2.46
CA LYS D 3 21.70 24.25 -3.89
C LYS D 3 22.65 23.31 -4.63
N GLY D 4 22.11 22.46 -5.50
CA GLY D 4 22.95 21.62 -6.32
C GLY D 4 23.08 20.19 -5.77
N VAL D 5 24.22 19.56 -6.11
CA VAL D 5 24.46 18.15 -5.81
C VAL D 5 25.28 17.88 -4.54
N TYR D 6 24.71 17.09 -3.65
CA TYR D 6 25.33 16.69 -2.41
C TYR D 6 25.32 15.15 -2.38
N PRO D 7 26.43 14.51 -2.79
CA PRO D 7 26.53 13.07 -2.68
C PRO D 7 26.45 12.63 -1.22
N ALA D 8 25.64 11.62 -0.96
CA ALA D 8 25.60 10.95 0.34
C ALA D 8 26.69 9.87 0.29
N ILE D 9 27.84 10.15 0.89
CA ILE D 9 29.00 9.34 0.59
C ILE D 9 28.96 7.99 1.30
N ILE D 10 29.51 6.99 0.64
CA ILE D 10 29.64 5.70 1.28
C ILE D 10 30.71 5.80 2.39
N THR D 11 30.61 4.93 3.37
CA THR D 11 31.73 4.70 4.25
C THR D 11 32.51 3.48 3.80
N PRO D 12 33.72 3.68 3.25
CA PRO D 12 34.53 2.52 2.78
C PRO D 12 35.13 1.74 3.95
N PHE D 13 35.20 0.43 3.83
CA PHE D 13 35.76 -0.40 4.88
C PHE D 13 36.98 -1.17 4.36
N LYS D 14 37.89 -1.50 5.27
CA LYS D 14 39.07 -2.31 4.97
C LYS D 14 39.58 -2.98 6.22
N ASN D 15 39.76 -4.29 6.12
CA ASN D 15 40.22 -5.09 7.24
C ASN D 15 39.33 -4.80 8.40
N LYS D 16 38.01 -4.81 8.08
CA LYS D 16 36.91 -4.68 9.06
C LYS D 16 36.83 -3.29 9.74
N GLU D 17 37.62 -2.33 9.28
CA GLU D 17 37.69 -1.01 9.89
C GLU D 17 37.35 0.05 8.85
N VAL D 18 36.88 1.21 9.30
CA VAL D 18 36.81 2.28 8.29
C VAL D 18 38.15 2.55 7.59
N ASP D 19 38.02 2.67 6.27
CA ASP D 19 39.11 2.99 5.39
C ASP D 19 39.24 4.52 5.26
N PHE D 20 39.95 5.12 6.21
CA PHE D 20 40.07 6.59 6.18
C PHE D 20 40.78 7.16 4.93
N ASP D 21 41.79 6.44 4.43
CA ASP D 21 42.49 6.84 3.23
C ASP D 21 41.59 6.79 2.01
N GLY D 22 40.77 5.73 1.89
CA GLY D 22 39.85 5.60 0.75
C GLY D 22 38.79 6.69 0.81
N LEU D 23 38.34 7.00 2.01
CA LEU D 23 37.42 8.08 2.26
C LEU D 23 37.93 9.42 1.67
N GLU D 24 39.17 9.78 2.02
CA GLU D 24 39.81 10.97 1.54
C GLU D 24 39.88 10.99 0.05
N GLU D 25 40.24 9.85 -0.52
CA GLU D 25 40.34 9.78 -1.96
C GLU D 25 38.96 9.94 -2.57
N ASN D 26 37.95 9.35 -1.96
CA ASN D 26 36.58 9.49 -2.50
C ASN D 26 36.06 10.94 -2.45
N ILE D 27 36.30 11.58 -1.33
CA ILE D 27 35.88 12.96 -1.12
C ILE D 27 36.52 13.89 -2.17
N ASN D 28 37.83 13.71 -2.40
CA ASN D 28 38.58 14.55 -3.34
C ASN D 28 38.09 14.34 -4.76
N PHE D 29 37.76 13.09 -5.10
CA PHE D 29 37.17 12.80 -6.37
C PHE D 29 35.87 13.60 -6.57
N LEU D 30 34.97 13.53 -5.58
CA LEU D 30 33.71 14.25 -5.65
C LEU D 30 33.95 15.77 -5.76
N ILE D 31 34.90 16.30 -5.00
CA ILE D 31 35.14 17.72 -5.07
C ILE D 31 35.67 18.12 -6.46
N GLU D 32 36.60 17.37 -7.04
CA GLU D 32 37.14 17.74 -8.37
C GLU D 32 36.02 17.78 -9.42
N ASN D 33 34.95 17.05 -9.18
CA ASN D 33 33.91 16.97 -10.16
C ASN D 33 32.71 17.91 -9.90
N GLY D 34 32.86 18.84 -8.96
CA GLY D 34 31.92 19.98 -8.79
C GLY D 34 30.72 19.88 -7.86
N VAL D 35 30.72 18.89 -6.96
CA VAL D 35 29.58 18.74 -6.01
C VAL D 35 29.53 19.97 -5.10
N SER D 36 28.33 20.36 -4.64
CA SER D 36 28.19 21.51 -3.73
C SER D 36 28.57 21.15 -2.28
N GLY D 37 28.63 19.87 -1.98
CA GLY D 37 28.72 19.47 -0.58
C GLY D 37 28.71 17.96 -0.47
N ILE D 38 28.89 17.47 0.74
CA ILE D 38 29.05 16.06 1.02
C ILE D 38 28.21 15.76 2.26
N VAL D 39 27.38 14.70 2.18
CA VAL D 39 26.63 14.23 3.35
C VAL D 39 27.37 13.01 3.91
N ALA D 40 27.78 13.09 5.18
CA ALA D 40 28.67 12.11 5.80
C ALA D 40 27.84 11.27 6.73
N VAL D 41 28.04 9.97 6.73
CA VAL D 41 27.27 9.06 7.57
C VAL D 41 25.71 9.22 7.55
N GLY D 42 25.14 9.19 6.36
CA GLY D 42 23.73 9.02 6.26
C GLY D 42 23.52 7.53 6.07
N THR D 43 22.33 7.19 5.58
CA THR D 43 21.96 5.83 5.23
C THR D 43 22.95 5.19 4.23
N THR D 44 23.30 5.95 3.19
CA THR D 44 24.26 5.42 2.22
C THR D 44 25.67 5.27 2.80
N GLY D 45 25.91 5.98 3.92
CA GLY D 45 27.13 5.83 4.69
C GLY D 45 27.08 4.69 5.69
N GLU D 46 26.00 3.91 5.67
CA GLU D 46 25.82 2.80 6.63
C GLU D 46 25.79 3.25 8.10
N SER D 47 25.13 4.38 8.37
CA SER D 47 25.05 4.83 9.78
C SER D 47 24.64 3.74 10.77
N PRO D 48 23.62 2.89 10.46
CA PRO D 48 23.17 1.91 11.47
C PRO D 48 24.26 0.95 11.96
N THR D 49 25.27 0.68 11.12
CA THR D 49 26.27 -0.32 11.45
C THR D 49 27.62 0.31 11.89
N LEU D 50 27.69 1.65 11.95
CA LEU D 50 28.89 2.34 12.49
C LEU D 50 28.82 2.43 14.00
N SER D 51 29.93 2.17 14.71
CA SER D 51 29.92 2.39 16.17
C SER D 51 29.70 3.92 16.41
N HIS D 52 29.33 4.30 17.64
CA HIS D 52 29.22 5.71 18.03
C HIS D 52 30.55 6.44 17.68
N GLU D 53 31.65 5.78 18.05
CA GLU D 53 32.99 6.30 17.88
C GLU D 53 33.38 6.42 16.42
N GLU D 54 32.99 5.46 15.58
CA GLU D 54 33.26 5.53 14.14
C GLU D 54 32.46 6.64 13.44
N HIS D 55 31.18 6.72 13.74
CA HIS D 55 30.33 7.81 13.24
C HIS D 55 31.05 9.17 13.44
N LYS D 56 31.62 9.40 14.63
CA LYS D 56 32.34 10.65 15.00
C LYS D 56 33.63 10.81 14.22
N LYS D 57 34.41 9.74 14.15
CA LYS D 57 35.66 9.82 13.39
C LYS D 57 35.45 10.06 11.86
N VAL D 58 34.37 9.52 11.31
CA VAL D 58 34.08 9.69 9.86
C VAL D 58 33.67 11.13 9.55
N ILE D 59 32.77 11.66 10.36
CA ILE D 59 32.42 13.08 10.29
C ILE D 59 33.66 13.99 10.41
N GLU D 60 34.41 13.85 11.49
CA GLU D 60 35.70 14.57 11.66
C GLU D 60 36.63 14.39 10.46
N LYS D 61 36.76 13.17 9.96
CA LYS D 61 37.60 12.98 8.77
C LYS D 61 37.08 13.76 7.56
N VAL D 62 35.76 13.80 7.39
CA VAL D 62 35.18 14.46 6.22
C VAL D 62 35.41 15.99 6.38
N VAL D 63 35.14 16.49 7.60
CA VAL D 63 35.38 17.91 7.92
C VAL D 63 36.83 18.28 7.64
N ASP D 64 37.79 17.48 8.13
CA ASP D 64 39.23 17.72 7.96
C ASP D 64 39.69 17.64 6.52
N VAL D 65 39.25 16.63 5.75
CA VAL D 65 39.63 16.54 4.32
C VAL D 65 39.06 17.67 3.44
N VAL D 66 37.78 17.94 3.61
CA VAL D 66 37.08 18.99 2.82
C VAL D 66 37.74 20.33 3.12
N ASN D 67 37.93 20.59 4.42
CA ASN D 67 38.62 21.79 4.91
C ASN D 67 38.03 23.01 4.22
N GLY D 68 36.70 23.13 4.28
CA GLY D 68 35.97 24.28 3.80
C GLY D 68 35.72 24.43 2.29
N ARG D 69 36.16 23.49 1.46
CA ARG D 69 36.05 23.72 0.02
C ARG D 69 34.62 23.49 -0.44
N VAL D 70 33.85 22.63 0.23
CA VAL D 70 32.39 22.49 -0.06
C VAL D 70 31.69 22.30 1.29
N GLN D 71 30.36 22.34 1.30
CA GLN D 71 29.62 22.19 2.56
C GLN D 71 29.73 20.74 3.00
N VAL D 72 29.99 20.55 4.28
CA VAL D 72 29.95 19.24 4.92
C VAL D 72 28.64 19.20 5.73
N ILE D 73 27.76 18.25 5.37
CA ILE D 73 26.50 18.01 6.08
C ILE D 73 26.66 16.70 6.83
N ALA D 74 26.58 16.79 8.15
CA ALA D 74 26.81 15.62 9.01
C ALA D 74 25.46 14.94 9.24
N GLY D 75 25.40 13.62 8.99
CA GLY D 75 24.28 12.78 9.43
C GLY D 75 24.16 12.84 10.95
N ALA D 76 22.99 13.19 11.50
CA ALA D 76 22.87 13.27 12.97
C ALA D 76 21.49 12.83 13.48
N GLY D 77 20.76 12.14 12.61
CA GLY D 77 19.46 11.61 12.99
C GLY D 77 19.56 10.44 13.92
N SER D 78 18.49 10.28 14.71
CA SER D 78 18.23 9.07 15.54
C SER D 78 16.73 8.98 15.80
N ASN D 79 16.23 7.80 16.16
CA ASN D 79 14.84 7.62 16.59
C ASN D 79 14.71 7.78 18.10
N CYS D 80 15.83 8.16 18.72
CA CYS D 80 15.88 8.53 20.13
C CYS D 80 16.25 10.00 20.15
N THR D 81 15.39 10.86 20.72
CA THR D 81 15.64 12.32 20.69
C THR D 81 16.95 12.76 21.38
N GLU D 82 17.20 12.16 22.53
CA GLU D 82 18.41 12.47 23.27
C GLU D 82 19.67 12.18 22.42
N GLU D 83 19.70 11.02 21.75
CA GLU D 83 20.81 10.70 20.89
C GLU D 83 20.89 11.65 19.71
N ALA D 84 19.74 12.02 19.11
CA ALA D 84 19.79 12.95 17.95
C ALA D 84 20.43 14.30 18.41
N ILE D 85 20.08 14.78 19.61
CA ILE D 85 20.76 15.94 20.22
C ILE D 85 22.28 15.78 20.39
N GLU D 86 22.76 14.67 21.00
CA GLU D 86 24.23 14.46 21.23
C GLU D 86 24.90 14.59 19.88
N LEU D 87 24.32 13.99 18.82
CA LEU D 87 24.97 13.87 17.50
C LEU D 87 25.02 15.19 16.80
N SER D 88 23.95 15.97 16.96
CA SER D 88 23.81 17.27 16.34
C SER D 88 24.81 18.22 16.98
N VAL D 89 24.86 18.22 18.31
CA VAL D 89 25.87 19.00 19.08
C VAL D 89 27.30 18.58 18.68
N PHE D 90 27.55 17.29 18.57
CA PHE D 90 28.87 16.92 18.08
C PHE D 90 29.20 17.48 16.71
N ALA D 91 28.21 17.48 15.83
CA ALA D 91 28.45 17.89 14.43
C ALA D 91 28.84 19.38 14.45
N GLU D 92 28.13 20.16 15.25
CA GLU D 92 28.48 21.56 15.37
C GLU D 92 29.90 21.71 15.94
N ASP D 93 30.19 21.05 17.07
CA ASP D 93 31.48 21.17 17.73
C ASP D 93 32.66 20.74 16.87
N VAL D 94 32.45 19.81 15.94
CA VAL D 94 33.54 19.24 15.17
C VAL D 94 33.75 20.07 13.89
N GLY D 95 32.85 21.00 13.62
CA GLY D 95 33.04 21.90 12.46
C GLY D 95 32.24 21.57 11.20
N ALA D 96 31.19 20.75 11.30
CA ALA D 96 30.33 20.51 10.15
C ALA D 96 29.61 21.79 9.82
N ASP D 97 29.15 21.93 8.58
CA ASP D 97 28.40 23.13 8.18
C ASP D 97 26.90 23.00 8.37
N ALA D 98 26.43 21.76 8.51
CA ALA D 98 25.02 21.49 8.66
C ALA D 98 24.82 20.06 9.17
N VAL D 99 23.57 19.77 9.46
CA VAL D 99 23.14 18.49 9.99
C VAL D 99 21.99 17.98 9.13
N LEU D 100 22.06 16.70 8.79
CA LEU D 100 20.97 15.98 8.20
C LEU D 100 20.28 15.14 9.28
N SER D 101 18.98 15.35 9.50
CA SER D 101 18.30 14.72 10.64
C SER D 101 17.07 13.94 10.19
N ILE D 102 17.19 12.62 10.21
CA ILE D 102 16.09 11.78 9.71
C ILE D 102 14.90 11.75 10.65
N THR D 103 13.68 11.64 10.13
CA THR D 103 12.53 11.39 10.98
C THR D 103 12.76 10.08 11.75
N PRO D 104 12.47 10.06 13.07
CA PRO D 104 12.60 8.79 13.77
C PRO D 104 11.96 7.63 13.05
N TYR D 105 12.74 6.57 12.82
CA TYR D 105 12.28 5.32 12.16
C TYR D 105 11.82 4.28 13.15
N TYR D 106 10.93 3.40 12.70
CA TYR D 106 10.55 2.27 13.50
C TYR D 106 9.63 2.51 14.74
N ASN D 107 9.95 3.49 15.58
CA ASN D 107 9.09 3.73 16.74
C ASN D 107 7.87 4.58 16.39
N LYS D 108 7.81 5.07 15.15
CA LYS D 108 6.58 5.68 14.62
C LYS D 108 5.96 6.83 15.44
N PRO D 109 6.70 7.91 15.70
CA PRO D 109 6.03 8.97 16.47
C PRO D 109 4.91 9.66 15.67
N THR D 110 4.02 10.33 16.38
CA THR D 110 2.94 11.11 15.82
C THR D 110 3.53 12.39 15.24
N GLN D 111 2.69 13.16 14.57
CA GLN D 111 3.17 14.40 14.01
C GLN D 111 3.67 15.35 15.08
N GLU D 112 3.00 15.34 16.21
CA GLU D 112 3.40 16.16 17.36
C GLU D 112 4.74 15.69 17.88
N GLY D 113 4.94 14.37 17.96
CA GLY D 113 6.24 13.80 18.33
C GLY D 113 7.37 14.30 17.46
N LEU D 114 7.13 14.35 16.13
CA LEU D 114 8.16 14.79 15.15
C LEU D 114 8.49 16.25 15.33
N ARG D 115 7.44 17.06 15.47
CA ARG D 115 7.60 18.46 15.82
C ARG D 115 8.45 18.66 17.08
N LYS D 116 8.09 18.00 18.16
CA LYS D 116 8.87 18.11 19.39
C LYS D 116 10.31 17.61 19.28
N HIS D 117 10.49 16.51 18.57
CA HIS D 117 11.78 15.85 18.32
C HIS D 117 12.74 16.81 17.57
N PHE D 118 12.26 17.36 16.45
CA PHE D 118 13.11 18.24 15.64
C PHE D 118 13.32 19.60 16.31
N GLY D 119 12.28 20.09 16.98
CA GLY D 119 12.38 21.25 17.84
C GLY D 119 13.50 21.14 18.84
N LYS D 120 13.61 20.02 19.54
CA LYS D 120 14.78 19.84 20.44
C LYS D 120 16.09 19.89 19.65
N VAL D 121 16.08 19.27 18.48
CA VAL D 121 17.31 19.18 17.72
C VAL D 121 17.68 20.61 17.32
N ALA D 122 16.70 21.34 16.80
CA ALA D 122 16.92 22.72 16.30
C ALA D 122 17.43 23.72 17.37
N GLU D 123 16.89 23.57 18.58
CA GLU D 123 17.32 24.34 19.76
C GLU D 123 18.70 23.98 20.26
N SER D 124 19.19 22.79 19.89
CA SER D 124 20.44 22.28 20.44
C SER D 124 21.70 22.88 19.82
N ILE D 125 21.54 23.43 18.63
CA ILE D 125 22.68 23.86 17.79
C ILE D 125 22.26 25.15 17.03
N ASN D 126 23.24 25.85 16.47
CA ASN D 126 22.93 26.99 15.61
C ASN D 126 22.99 26.71 14.13
N LEU D 127 23.50 25.53 13.75
CA LEU D 127 23.67 25.10 12.34
C LEU D 127 22.37 24.97 11.62
N PRO D 128 22.41 25.15 10.28
CA PRO D 128 21.27 24.78 9.44
C PRO D 128 20.99 23.26 9.50
N ILE D 129 19.71 22.93 9.48
CA ILE D 129 19.29 21.61 9.60
C ILE D 129 18.55 21.25 8.30
N VAL D 130 18.96 20.10 7.76
CA VAL D 130 18.20 19.39 6.68
C VAL D 130 17.35 18.27 7.26
N LEU D 131 16.03 18.46 7.25
CA LEU D 131 15.11 17.39 7.62
C LEU D 131 15.08 16.31 6.52
N TYR D 132 15.01 15.05 6.95
CA TYR D 132 15.08 13.92 6.03
C TYR D 132 13.88 13.03 6.19
N ASN D 133 13.03 12.98 5.16
CA ASN D 133 11.75 12.23 5.16
C ASN D 133 11.90 11.09 4.12
N VAL D 134 11.75 9.86 4.58
CA VAL D 134 11.79 8.71 3.71
C VAL D 134 10.84 7.63 4.26
N PRO D 135 9.50 7.82 4.05
CA PRO D 135 8.44 6.96 4.60
C PRO D 135 8.70 5.46 4.32
N SER D 136 9.26 5.15 3.15
CA SER D 136 9.43 3.76 2.74
C SER D 136 10.41 3.04 3.66
N ARG D 137 11.25 3.76 4.40
CA ARG D 137 12.21 3.12 5.33
C ARG D 137 11.81 3.28 6.79
N THR D 138 11.14 4.40 7.10
CA THR D 138 10.95 4.83 8.47
C THR D 138 9.57 4.50 9.03
N ALA D 139 8.59 4.26 8.14
CA ALA D 139 7.20 3.97 8.50
C ALA D 139 6.46 5.22 9.02
N VAL D 140 7.06 6.39 8.82
CA VAL D 140 6.39 7.61 9.16
C VAL D 140 6.61 8.67 8.05
N ASN D 141 5.55 9.38 7.70
CA ASN D 141 5.63 10.50 6.81
C ASN D 141 5.60 11.83 7.54
N LEU D 142 6.70 12.58 7.41
CA LEU D 142 6.72 13.98 7.84
C LEU D 142 5.85 14.86 6.93
N GLU D 143 4.73 15.33 7.51
CA GLU D 143 3.71 16.04 6.76
C GLU D 143 4.14 17.48 6.56
N PRO D 144 3.84 18.10 5.40
CA PRO D 144 4.23 19.49 5.13
C PRO D 144 3.78 20.54 6.18
N LYS D 145 2.57 20.40 6.71
CA LYS D 145 2.08 21.29 7.75
C LYS D 145 3.01 21.23 8.96
N THR D 146 3.59 20.06 9.20
CA THR D 146 4.47 19.92 10.38
C THR D 146 5.78 20.65 10.14
N VAL D 147 6.31 20.50 8.91
CA VAL D 147 7.48 21.20 8.47
C VAL D 147 7.25 22.72 8.45
N LYS D 148 6.04 23.13 8.11
CA LYS D 148 5.74 24.57 8.07
C LYS D 148 5.85 25.12 9.48
N LEU D 149 5.29 24.40 10.45
CA LEU D 149 5.40 24.82 11.88
C LEU D 149 6.82 24.93 12.43
N LEU D 150 7.64 23.91 12.11
CA LEU D 150 9.05 23.88 12.43
C LEU D 150 9.81 25.02 11.77
N ALA D 151 9.62 25.19 10.47
CA ALA D 151 10.30 26.22 9.72
C ALA D 151 9.95 27.62 10.27
N GLU D 152 8.67 27.85 10.59
CA GLU D 152 8.31 29.13 11.17
C GLU D 152 8.80 29.34 12.60
N GLU D 153 8.93 28.29 13.39
CA GLU D 153 9.54 28.46 14.71
C GLU D 153 11.08 28.64 14.67
N TYR D 154 11.78 27.86 13.83
CA TYR D 154 13.24 27.75 13.96
C TYR D 154 13.89 28.18 12.65
N SER D 155 14.71 29.23 12.70
CA SER D 155 15.25 29.79 11.47
C SER D 155 16.31 28.86 10.88
N ASN D 156 16.84 27.97 11.70
CA ASN D 156 17.92 27.09 11.26
C ASN D 156 17.37 25.83 10.59
N ILE D 157 16.06 25.63 10.68
CA ILE D 157 15.43 24.59 9.95
C ILE D 157 15.24 25.04 8.51
N SER D 158 16.04 24.46 7.64
CA SER D 158 16.47 25.13 6.45
C SER D 158 16.02 24.43 5.15
N ALA D 159 15.98 23.09 5.17
CA ALA D 159 15.66 22.31 3.99
C ALA D 159 15.06 20.96 4.36
N VAL D 160 14.40 20.35 3.39
CA VAL D 160 13.94 18.95 3.54
C VAL D 160 14.55 18.13 2.43
N LYS D 161 15.13 17.00 2.80
CA LYS D 161 15.50 16.02 1.83
C LYS D 161 14.27 15.12 1.68
N GLU D 162 13.57 15.27 0.55
CA GLU D 162 12.25 14.63 0.39
C GLU D 162 12.39 13.35 -0.48
N ALA D 163 12.24 12.19 0.15
CA ALA D 163 12.27 10.93 -0.59
C ALA D 163 10.88 10.25 -0.70
N ASN D 164 9.81 10.87 -0.16
CA ASN D 164 8.45 10.48 -0.48
C ASN D 164 8.26 10.64 -2.02
N PRO D 165 7.90 9.54 -2.72
CA PRO D 165 7.80 9.60 -4.18
C PRO D 165 6.50 10.27 -4.65
N ASN D 166 5.61 10.59 -3.69
CA ASN D 166 4.43 11.37 -4.04
C ASN D 166 4.76 12.84 -4.15
N LEU D 167 4.82 13.33 -5.38
CA LEU D 167 5.37 14.64 -5.62
C LEU D 167 4.41 15.80 -5.31
N SER D 168 3.19 15.48 -4.98
CA SER D 168 2.37 16.57 -4.57
C SER D 168 2.71 16.97 -3.14
N GLN D 169 3.33 16.08 -2.38
CA GLN D 169 4.00 16.51 -1.13
C GLN D 169 5.10 17.55 -1.37
N VAL D 170 5.86 17.38 -2.45
CA VAL D 170 6.85 18.37 -2.87
C VAL D 170 6.20 19.73 -3.21
N SER D 171 5.09 19.72 -3.96
CA SER D 171 4.29 20.93 -4.17
C SER D 171 3.81 21.60 -2.90
N GLU D 172 3.29 20.83 -1.95
CA GLU D 172 2.83 21.39 -0.69
C GLU D 172 3.97 22.03 0.04
N LEU D 173 5.12 21.38 0.05
CA LEU D 173 6.28 21.95 0.72
C LEU D 173 6.67 23.27 0.08
N ILE D 174 6.67 23.32 -1.25
CA ILE D 174 7.15 24.51 -1.93
C ILE D 174 6.16 25.65 -1.81
N HIS D 175 4.88 25.29 -1.88
CA HIS D 175 3.75 26.21 -1.82
C HIS D 175 3.53 26.74 -0.39
N ASP D 176 3.33 25.82 0.57
CA ASP D 176 2.90 26.20 1.95
C ASP D 176 4.06 26.34 2.93
N ALA D 177 5.10 25.51 2.82
CA ALA D 177 6.10 25.39 3.88
C ALA D 177 7.22 26.44 3.81
N LYS D 178 7.48 26.99 2.63
CA LYS D 178 8.50 28.02 2.50
C LYS D 178 9.85 27.49 3.02
N ILE D 179 10.23 26.31 2.51
CA ILE D 179 11.50 25.66 2.83
C ILE D 179 12.12 25.22 1.49
N THR D 180 13.45 25.19 1.41
CA THR D 180 14.18 24.55 0.34
C THR D 180 13.85 23.02 0.28
N VAL D 181 13.47 22.53 -0.90
CA VAL D 181 13.36 21.11 -1.06
C VAL D 181 14.54 20.57 -1.84
N LEU D 182 15.18 19.55 -1.27
CA LEU D 182 16.19 18.80 -1.95
C LEU D 182 15.61 17.45 -2.27
N SER D 183 15.77 17.02 -3.52
CA SER D 183 15.40 15.62 -3.88
C SER D 183 16.12 14.57 -3.01
N GLY D 184 15.38 13.62 -2.45
CA GLY D 184 15.95 12.43 -1.82
C GLY D 184 15.90 11.16 -2.71
N ASN D 185 15.62 11.31 -4.02
CA ASN D 185 15.56 10.21 -4.97
C ASN D 185 16.23 10.67 -6.26
N ASP D 186 17.35 10.07 -6.63
CA ASP D 186 18.06 10.52 -7.82
C ASP D 186 17.15 10.67 -9.05
N GLU D 187 16.34 9.65 -9.30
CA GLU D 187 15.51 9.57 -10.51
C GLU D 187 14.33 10.57 -10.51
N LEU D 188 14.07 11.22 -9.37
CA LEU D 188 13.02 12.22 -9.29
C LEU D 188 13.58 13.64 -9.16
N THR D 189 14.88 13.76 -9.26
CA THR D 189 15.58 15.04 -9.14
C THR D 189 15.14 16.03 -10.24
N LEU D 190 15.18 15.57 -11.47
CA LEU D 190 14.72 16.39 -12.55
C LEU D 190 13.28 16.96 -12.32
N PRO D 191 12.24 16.08 -12.16
CA PRO D 191 10.90 16.62 -11.93
C PRO D 191 10.74 17.40 -10.60
N ILE D 192 11.48 17.04 -9.55
CA ILE D 192 11.42 17.83 -8.30
C ILE D 192 12.03 19.21 -8.52
N ILE D 193 13.16 19.32 -9.22
CA ILE D 193 13.72 20.67 -9.55
C ILE D 193 12.80 21.53 -10.44
N ALA D 194 12.06 20.89 -11.35
CA ALA D 194 11.04 21.58 -12.17
C ALA D 194 9.92 22.13 -11.30
N LEU D 195 9.59 21.39 -10.25
CA LEU D 195 8.64 21.82 -9.25
C LEU D 195 9.12 22.98 -8.35
N GLY D 196 10.41 23.26 -8.31
CA GLY D 196 10.87 24.34 -7.43
C GLY D 196 12.01 23.88 -6.54
N GLY D 197 12.37 22.58 -6.64
CA GLY D 197 13.42 21.93 -5.83
C GLY D 197 14.76 22.57 -6.18
N LYS D 198 15.75 22.51 -5.29
CA LYS D 198 17.01 23.23 -5.45
C LYS D 198 18.24 22.35 -5.57
N GLY D 199 18.02 21.05 -5.56
CA GLY D 199 19.13 20.15 -5.65
C GLY D 199 18.71 18.77 -5.22
N VAL D 200 19.74 18.01 -4.83
CA VAL D 200 19.56 16.65 -4.53
C VAL D 200 20.62 16.14 -3.55
N ILE D 201 20.21 15.33 -2.58
CA ILE D 201 21.17 14.56 -1.79
C ILE D 201 21.20 13.19 -2.48
N SER D 202 22.37 12.82 -2.99
CA SER D 202 22.44 11.86 -4.10
C SER D 202 23.22 10.59 -3.79
N VAL D 203 22.69 9.44 -4.20
CA VAL D 203 23.47 8.16 -4.19
C VAL D 203 24.37 8.02 -5.47
N VAL D 204 23.73 8.15 -6.62
CA VAL D 204 24.39 7.94 -7.87
C VAL D 204 25.53 8.93 -8.13
N ALA D 205 25.46 10.13 -7.50
CA ALA D 205 26.53 11.11 -7.69
C ALA D 205 27.82 10.61 -7.10
N ASN D 206 27.79 9.57 -6.24
CA ASN D 206 29.06 8.92 -5.83
C ASN D 206 29.85 8.30 -7.00
N ILE D 207 29.13 7.98 -8.08
CA ILE D 207 29.68 7.16 -9.18
C ILE D 207 29.95 8.06 -10.37
N VAL D 208 29.00 8.99 -10.60
CA VAL D 208 29.03 9.90 -11.73
C VAL D 208 28.78 11.36 -11.30
N PRO D 209 29.64 11.90 -10.43
CA PRO D 209 29.44 13.27 -9.90
C PRO D 209 29.39 14.36 -11.00
N LYS D 210 30.34 14.30 -11.96
CA LYS D 210 30.43 15.34 -13.02
C LYS D 210 29.13 15.42 -13.82
N GLU D 211 28.65 14.27 -14.29
CA GLU D 211 27.45 14.22 -15.10
C GLU D 211 26.23 14.60 -14.23
N PHE D 212 26.18 14.12 -13.00
CA PHE D 212 25.00 14.45 -12.21
C PHE D 212 25.02 15.94 -11.91
N VAL D 213 26.21 16.50 -11.66
CA VAL D 213 26.32 17.93 -11.42
C VAL D 213 25.84 18.70 -12.64
N GLU D 214 26.24 18.27 -13.83
CA GLU D 214 25.79 18.91 -15.07
C GLU D 214 24.31 18.86 -15.22
N MET D 215 23.73 17.68 -14.95
CA MET D 215 22.33 17.49 -15.16
C MET D 215 21.57 18.49 -14.28
N VAL D 216 21.92 18.51 -13.00
CA VAL D 216 21.26 19.33 -12.00
C VAL D 216 21.43 20.81 -12.31
N ASN D 217 22.63 21.19 -12.74
CA ASN D 217 22.83 22.57 -13.17
C ASN D 217 21.94 22.98 -14.37
N TYR D 218 21.78 22.11 -15.35
CA TYR D 218 20.84 22.46 -16.41
C TYR D 218 19.40 22.57 -15.87
N ALA D 219 19.02 21.66 -14.96
CA ALA D 219 17.65 21.66 -14.43
C ALA D 219 17.39 22.98 -13.64
N LEU D 220 18.38 23.44 -12.85
CA LEU D 220 18.28 24.68 -12.07
C LEU D 220 18.19 25.92 -12.95
N GLU D 221 19.07 25.97 -13.96
CA GLU D 221 19.04 27.01 -15.06
C GLU D 221 17.73 27.02 -15.87
N GLY D 222 16.94 25.97 -15.75
CA GLY D 222 15.73 25.87 -16.55
C GLY D 222 15.91 25.24 -17.94
N ASP D 223 17.09 24.65 -18.22
CA ASP D 223 17.31 23.93 -19.50
C ASP D 223 16.99 22.44 -19.42
N PHE D 224 15.71 22.08 -19.57
CA PHE D 224 15.25 20.71 -19.31
C PHE D 224 15.52 19.76 -20.45
N GLU D 225 15.66 20.34 -21.62
CA GLU D 225 16.01 19.55 -22.74
C GLU D 225 17.40 18.92 -22.49
N LYS D 226 18.38 19.74 -22.14
CA LYS D 226 19.70 19.22 -21.83
C LYS D 226 19.69 18.40 -20.53
N ALA D 227 18.91 18.80 -19.53
CA ALA D 227 18.82 17.98 -18.29
C ALA D 227 18.30 16.56 -18.59
N ARG D 228 17.24 16.48 -19.39
CA ARG D 228 16.60 15.21 -19.78
C ARG D 228 17.58 14.28 -20.49
N GLU D 229 18.40 14.90 -21.33
CA GLU D 229 19.38 14.14 -22.04
C GLU D 229 20.28 13.39 -21.09
N ILE D 230 20.72 14.03 -20.02
CA ILE D 230 21.63 13.37 -19.09
C ILE D 230 20.85 12.38 -18.21
N HIS D 231 19.69 12.83 -17.72
CA HIS D 231 18.77 11.96 -16.98
C HIS D 231 18.57 10.62 -17.70
N TYR D 232 18.23 10.68 -19.00
CA TYR D 232 17.89 9.45 -19.71
C TYR D 232 19.09 8.55 -19.91
N LYS D 233 20.22 9.19 -20.20
CA LYS D 233 21.51 8.50 -20.24
C LYS D 233 21.82 7.82 -18.90
N LEU D 234 21.55 8.49 -17.79
CA LEU D 234 21.88 7.82 -16.50
C LEU D 234 20.75 6.98 -16.01
N PHE D 235 19.63 6.96 -16.74
CA PHE D 235 18.45 6.30 -16.21
C PHE D 235 18.66 4.82 -15.80
N PRO D 236 19.23 3.96 -16.68
CA PRO D 236 19.50 2.58 -16.21
C PRO D 236 20.41 2.44 -14.96
N LEU D 237 21.46 3.25 -14.89
CA LEU D 237 22.32 3.34 -13.70
C LEU D 237 21.50 3.71 -12.45
N MET D 238 20.58 4.66 -12.63
CA MET D 238 19.76 5.10 -11.52
C MET D 238 18.89 3.99 -10.99
N LYS D 239 18.32 3.19 -11.91
CA LYS D 239 17.46 2.06 -11.52
C LYS D 239 18.34 1.06 -10.81
N ALA D 240 19.52 0.79 -11.37
CA ALA D 240 20.43 -0.19 -10.81
C ALA D 240 20.85 0.20 -9.38
N MET D 241 20.81 1.49 -9.05
CA MET D 241 21.17 1.96 -7.68
C MET D 241 20.15 1.51 -6.67
N PHE D 242 18.96 1.16 -7.11
CA PHE D 242 18.04 0.59 -6.16
C PHE D 242 17.63 -0.85 -6.45
N ILE D 243 18.46 -1.57 -7.21
CA ILE D 243 18.15 -2.95 -7.62
C ILE D 243 18.19 -3.87 -6.40
N GLU D 244 19.09 -3.60 -5.44
CA GLU D 244 18.88 -4.00 -4.05
C GLU D 244 18.98 -2.76 -3.15
N THR D 245 18.61 -2.88 -1.87
CA THR D 245 18.57 -1.71 -0.97
C THR D 245 19.88 -0.91 -0.95
N ASN D 246 19.80 0.39 -1.23
CA ASN D 246 20.91 1.32 -1.00
C ASN D 246 21.48 1.19 0.44
N PRO D 247 22.81 1.07 0.62
CA PRO D 247 23.91 1.14 -0.36
C PRO D 247 24.45 -0.16 -0.95
N ILE D 248 23.72 -1.26 -0.99
CA ILE D 248 24.33 -2.46 -1.61
C ILE D 248 24.83 -2.20 -3.08
N PRO D 249 23.94 -1.72 -3.97
CA PRO D 249 24.42 -1.39 -5.31
C PRO D 249 25.58 -0.38 -5.42
N VAL D 250 25.55 0.71 -4.68
CA VAL D 250 26.56 1.75 -4.87
C VAL D 250 27.96 1.27 -4.49
N LYS D 251 28.02 0.50 -3.39
CA LYS D 251 29.27 -0.11 -3.00
C LYS D 251 29.68 -1.20 -3.98
N THR D 252 28.75 -2.03 -4.42
CA THR D 252 29.12 -2.98 -5.43
C THR D 252 29.74 -2.30 -6.65
N ALA D 253 29.09 -1.24 -7.13
CA ALA D 253 29.53 -0.53 -8.32
C ALA D 253 30.93 0.06 -8.15
N LEU D 254 31.19 0.69 -7.00
CA LEU D 254 32.50 1.27 -6.67
C LEU D 254 33.61 0.22 -6.62
N ASN D 255 33.33 -0.93 -6.01
CA ASN D 255 34.24 -2.05 -6.06
C ASN D 255 34.50 -2.45 -7.51
N MET D 256 33.47 -2.60 -8.31
CA MET D 256 33.69 -2.99 -9.72
C MET D 256 34.54 -1.99 -10.50
N MET D 257 34.43 -0.71 -10.13
CA MET D 257 35.20 0.33 -10.76
C MET D 257 36.63 0.43 -10.19
N GLY D 258 36.92 -0.37 -9.16
CA GLY D 258 38.19 -0.29 -8.41
C GLY D 258 38.36 0.98 -7.58
N ARG D 259 37.27 1.57 -7.13
CA ARG D 259 37.37 2.74 -6.23
C ARG D 259 37.18 2.28 -4.79
N PRO D 260 37.62 3.06 -3.80
CA PRO D 260 37.49 2.53 -2.40
C PRO D 260 36.06 2.26 -1.92
N ALA D 261 35.82 1.12 -1.30
CA ALA D 261 34.48 0.82 -0.78
C ALA D 261 34.49 -0.39 0.11
N GLY D 262 34.92 -1.50 -0.48
CA GLY D 262 35.10 -2.77 0.21
C GLY D 262 33.78 -3.34 0.63
N GLU D 263 33.79 -3.95 1.81
CA GLU D 263 32.73 -4.78 2.30
C GLU D 263 31.51 -4.01 2.83
N LEU D 264 30.34 -4.62 2.75
CA LEU D 264 29.16 -4.10 3.45
C LEU D 264 29.08 -4.77 4.82
N ARG D 265 28.58 -4.04 5.83
CA ARG D 265 28.36 -4.66 7.14
C ARG D 265 26.97 -5.25 7.29
N LEU D 266 26.91 -6.46 7.79
CA LEU D 266 25.69 -7.13 8.19
C LEU D 266 24.77 -6.19 9.01
N PRO D 267 23.47 -6.26 8.77
CA PRO D 267 22.74 -7.19 7.97
C PRO D 267 22.76 -6.89 6.47
N LEU D 268 23.51 -5.87 6.03
CA LEU D 268 23.67 -5.72 4.56
C LEU D 268 24.72 -6.71 4.08
N CYS D 269 24.60 -7.16 2.83
CA CYS D 269 25.50 -8.19 2.31
C CYS D 269 25.49 -8.18 0.80
N GLU D 270 26.38 -8.95 0.19
CA GLU D 270 26.61 -8.97 -1.26
C GLU D 270 25.35 -9.12 -2.07
N MET D 271 25.29 -8.46 -3.22
CA MET D 271 24.21 -8.59 -4.19
C MET D 271 24.13 -10.02 -4.77
N SER D 272 22.93 -10.46 -5.16
CA SER D 272 22.81 -11.69 -5.93
C SER D 272 23.63 -11.57 -7.22
N GLU D 273 23.96 -12.72 -7.80
CA GLU D 273 24.67 -12.79 -9.07
C GLU D 273 23.83 -12.21 -10.23
N GLU D 274 22.55 -12.57 -10.29
CA GLU D 274 21.64 -12.07 -11.32
C GLU D 274 21.74 -10.55 -11.32
N HIS D 275 21.64 -9.97 -10.11
CA HIS D 275 21.66 -8.53 -9.93
C HIS D 275 23.02 -7.89 -10.27
N LYS D 276 24.12 -8.54 -9.85
CA LYS D 276 25.49 -8.13 -10.26
C LYS D 276 25.71 -7.96 -11.77
N LYS D 277 25.31 -8.98 -12.51
CA LYS D 277 25.44 -8.98 -13.97
C LYS D 277 24.72 -7.79 -14.58
N ILE D 278 23.51 -7.54 -14.08
CA ILE D 278 22.72 -6.37 -14.48
C ILE D 278 23.47 -5.05 -14.25
N LEU D 279 24.01 -4.86 -13.04
CA LEU D 279 24.77 -3.65 -12.69
C LEU D 279 26.05 -3.56 -13.52
N GLU D 280 26.68 -4.74 -13.67
CA GLU D 280 27.87 -4.94 -14.50
C GLU D 280 27.62 -4.44 -15.90
N ASN D 281 26.50 -4.81 -16.48
CA ASN D 281 26.21 -4.37 -17.83
C ASN D 281 25.94 -2.90 -17.95
N VAL D 282 25.19 -2.35 -16.99
CA VAL D 282 24.93 -0.92 -16.96
C VAL D 282 26.23 -0.06 -16.87
N LEU D 283 27.17 -0.54 -16.06
CA LEU D 283 28.45 0.17 -15.88
C LEU D 283 29.26 0.11 -17.16
N LYS D 284 29.24 -1.06 -17.80
CA LYS D 284 29.90 -1.31 -19.11
C LYS D 284 29.34 -0.37 -20.16
N ASP D 285 28.00 -0.27 -20.24
CA ASP D 285 27.35 0.58 -21.25
C ASP D 285 27.79 2.06 -21.13
N LEU D 286 28.20 2.44 -19.94
CA LEU D 286 28.57 3.82 -19.70
C LEU D 286 30.05 3.99 -19.82
N GLY D 287 30.75 2.88 -20.09
CA GLY D 287 32.20 2.90 -20.21
C GLY D 287 32.91 3.13 -18.89
N LEU D 288 32.26 2.75 -17.80
CA LEU D 288 32.83 2.97 -16.48
C LEU D 288 33.65 1.76 -16.05
N ILE D 289 33.54 0.67 -16.80
CA ILE D 289 33.88 -0.67 -16.31
C ILE D 289 32.52 -1.46 -16.22
#